data_5RAZ
#
_entry.id   5RAZ
#
_cell.length_a   57.560
_cell.length_b   93.740
_cell.length_c   93.370
_cell.angle_alpha   90.000
_cell.angle_beta   108.000
_cell.angle_gamma   90.000
#
_symmetry.space_group_name_H-M   'P 1 21 1'
#
loop_
_entity.id
_entity.type
_entity.pdbx_description
1 polymer 'Lysine-specific demethylase 3B'
2 non-polymer "N-phenyl-N'-pyridin-3-ylurea"
3 non-polymer 'CHLORIDE ION'
4 non-polymer 'MANGANESE (II) ION'
5 water water
#
_entity_poly.entity_id   1
_entity_poly.type   'polypeptide(L)'
_entity_poly.pdbx_seq_one_letter_code
;MHHHHHHSSGVDLGTENLYFQSMTSHSWLCDGRLLCLHDPSNKNNWKIFRECWKQGQPVLVSGVHKKLKSELWKPEAFSQ
EFGDQDVDLVNCRNCAIISDVKVRDFWDGFEIICKRLRSEDGQPMVLKLKDWPPGEDFRDMMPTRFEDLMENLPLPEYTK
RDGRLNLASRLPSYFVRPDLGPKMYNAYGLITAEDRRVGTTNLHLDVSDAVNVMVYVGIPIGEGAHDEEVLKTIDEGDAD
EVTKERIHDHKEKPGALWHIYAAKDAEKIRELLRKVGEEQGQENPPDHDPIHDQSWYLDQTLRKRLYEEYGVQGWAIVQF
LGDAVFIPAGAPHQVHNLYSCIKVAEDFVSPEHVKHCFRLTQEFRHLSNTHT
;
_entity_poly.pdbx_strand_id   A,B
#
# COMPACT_ATOMS: atom_id res chain seq x y z
N SER A 22 20.04 -46.69 8.59
CA SER A 22 18.67 -46.99 8.03
C SER A 22 17.94 -45.69 7.63
N MET A 23 17.36 -45.69 6.42
N MET A 23 17.35 -45.65 6.43
CA MET A 23 16.36 -44.69 5.97
CA MET A 23 16.51 -44.51 5.97
C MET A 23 15.27 -44.60 7.03
C MET A 23 15.20 -44.51 6.78
N THR A 24 14.90 -43.40 7.46
CA THR A 24 13.76 -43.21 8.38
C THR A 24 12.84 -42.10 7.85
N SER A 25 11.57 -42.13 8.23
CA SER A 25 10.53 -41.17 7.80
C SER A 25 10.89 -39.75 8.32
N HIS A 26 11.44 -39.60 9.53
CA HIS A 26 11.67 -38.27 10.16
C HIS A 26 12.63 -38.36 11.34
N SER A 27 13.03 -37.19 11.82
CA SER A 27 13.81 -36.97 13.05
C SER A 27 13.43 -35.61 13.66
N TRP A 28 14.12 -35.24 14.73
CA TRP A 28 13.82 -34.00 15.49
C TRP A 28 15.10 -33.16 15.57
N LEU A 29 14.93 -31.85 15.46
CA LEU A 29 16.01 -30.90 15.78
C LEU A 29 15.49 -29.98 16.88
N CYS A 30 16.26 -28.95 17.24
CA CYS A 30 15.85 -27.98 18.28
C CYS A 30 15.38 -28.73 19.56
N ASP A 31 16.09 -29.79 19.93
CA ASP A 31 15.78 -30.61 21.15
C ASP A 31 14.34 -31.13 21.15
N GLY A 32 13.81 -31.60 20.01
CA GLY A 32 12.43 -32.16 19.94
C GLY A 32 11.38 -31.16 19.52
N ARG A 33 11.74 -29.87 19.43
CA ARG A 33 10.75 -28.80 19.11
C ARG A 33 10.56 -28.60 17.58
N LEU A 34 11.38 -29.19 16.72
CA LEU A 34 11.30 -28.99 15.23
C LEU A 34 11.24 -30.36 14.52
N LEU A 35 10.13 -30.63 13.84
CA LEU A 35 10.01 -31.81 12.93
C LEU A 35 10.97 -31.67 11.74
N CYS A 36 11.76 -32.72 11.44
N CYS A 36 11.68 -32.75 11.41
CA CYS A 36 12.54 -32.85 10.19
CA CYS A 36 12.53 -32.88 10.19
C CYS A 36 12.09 -34.07 9.39
C CYS A 36 12.09 -34.10 9.38
N LEU A 37 11.37 -33.85 8.28
CA LEU A 37 10.90 -34.92 7.38
C LEU A 37 12.05 -35.29 6.44
N HIS A 38 12.26 -36.59 6.13
CA HIS A 38 13.47 -37.03 5.37
C HIS A 38 13.23 -37.25 3.87
N ASP A 39 12.03 -37.59 3.47
CA ASP A 39 11.64 -37.95 2.08
C ASP A 39 10.66 -36.89 1.59
N PRO A 40 11.09 -35.97 0.69
CA PRO A 40 10.21 -34.88 0.26
C PRO A 40 8.95 -35.31 -0.50
N SER A 41 8.92 -36.52 -1.09
CA SER A 41 7.82 -36.96 -1.99
C SER A 41 7.01 -38.11 -1.35
N ASN A 42 7.26 -38.40 -0.08
CA ASN A 42 6.51 -39.44 0.66
C ASN A 42 5.06 -39.00 0.83
N LYS A 43 4.11 -39.76 0.28
CA LYS A 43 2.65 -39.49 0.29
C LYS A 43 2.05 -39.51 1.71
N ASN A 44 2.76 -40.03 2.73
CA ASN A 44 2.26 -40.09 4.14
C ASN A 44 2.80 -38.91 4.98
N ASN A 45 3.54 -37.98 4.39
CA ASN A 45 4.17 -36.85 5.17
C ASN A 45 3.10 -36.03 5.90
N TRP A 46 1.93 -35.81 5.30
CA TRP A 46 0.88 -34.94 5.89
C TRP A 46 0.51 -35.40 7.32
N LYS A 47 0.49 -36.69 7.61
CA LYS A 47 0.01 -37.24 8.92
C LYS A 47 0.88 -36.73 10.10
N ILE A 48 2.20 -36.67 9.93
CA ILE A 48 3.19 -36.17 10.94
C ILE A 48 3.21 -34.64 10.89
N PHE A 49 3.13 -34.08 9.69
CA PHE A 49 3.21 -32.62 9.44
C PHE A 49 2.08 -31.86 10.12
N ARG A 50 0.84 -32.33 9.93
N ARG A 50 0.84 -32.32 9.95
CA ARG A 50 -0.39 -31.58 10.28
CA ARG A 50 -0.35 -31.50 10.29
C ARG A 50 -0.47 -31.34 11.79
C ARG A 50 -0.45 -31.32 11.81
N GLU A 51 0.02 -32.28 12.60
CA GLU A 51 0.02 -32.20 14.10
C GLU A 51 0.97 -31.09 14.59
N CYS A 52 2.16 -30.96 13.99
CA CYS A 52 3.12 -29.89 14.35
C CYS A 52 2.67 -28.52 13.80
N TRP A 53 2.16 -28.51 12.58
CA TRP A 53 1.73 -27.27 11.89
C TRP A 53 0.57 -26.63 12.67
N LYS A 54 -0.38 -27.42 13.16
CA LYS A 54 -1.60 -26.89 13.83
C LYS A 54 -1.17 -26.17 15.12
N GLN A 55 -0.02 -26.53 15.69
CA GLN A 55 0.48 -25.93 16.93
C GLN A 55 1.30 -24.67 16.64
N GLY A 56 1.40 -24.21 15.39
CA GLY A 56 2.14 -22.96 15.10
C GLY A 56 3.66 -23.15 15.01
N GLN A 57 4.14 -24.39 14.86
CA GLN A 57 5.60 -24.63 14.71
C GLN A 57 6.01 -24.56 13.25
N PRO A 58 7.25 -24.11 12.97
CA PRO A 58 7.90 -24.34 11.69
C PRO A 58 8.24 -25.82 11.53
N VAL A 59 8.54 -26.21 10.30
CA VAL A 59 8.89 -27.61 9.90
C VAL A 59 10.04 -27.54 8.88
N LEU A 60 10.95 -28.50 8.94
CA LEU A 60 12.05 -28.63 7.94
C LEU A 60 11.82 -29.89 7.12
N VAL A 61 12.04 -29.84 5.77
CA VAL A 61 12.02 -31.08 4.93
C VAL A 61 13.36 -31.14 4.17
N SER A 62 14.13 -32.22 4.34
CA SER A 62 15.48 -32.33 3.70
C SER A 62 15.37 -33.11 2.37
N GLY A 63 16.33 -32.91 1.46
CA GLY A 63 16.54 -33.78 0.28
C GLY A 63 15.89 -33.28 -0.99
N VAL A 64 15.36 -32.04 -1.02
CA VAL A 64 14.64 -31.49 -2.20
C VAL A 64 15.61 -31.33 -3.40
N HIS A 65 16.89 -31.04 -3.14
CA HIS A 65 17.93 -30.88 -4.20
C HIS A 65 18.03 -32.15 -5.07
N LYS A 66 17.86 -33.32 -4.48
CA LYS A 66 17.97 -34.62 -5.22
C LYS A 66 16.78 -34.80 -6.18
N LYS A 67 15.71 -34.01 -6.07
CA LYS A 67 14.51 -34.09 -6.94
C LYS A 67 14.66 -33.15 -8.13
N LEU A 68 15.57 -32.17 -8.04
CA LEU A 68 15.66 -31.04 -8.98
C LEU A 68 16.72 -31.36 -10.06
N LYS A 69 16.66 -30.62 -11.17
CA LYS A 69 17.69 -30.66 -12.25
C LYS A 69 18.77 -29.62 -11.93
N SER A 70 19.88 -30.07 -11.34
CA SER A 70 20.91 -29.22 -10.71
C SER A 70 21.49 -28.19 -11.70
N GLU A 71 21.49 -28.49 -13.00
CA GLU A 71 22.10 -27.60 -14.04
C GLU A 71 21.24 -26.33 -14.20
N LEU A 72 19.97 -26.36 -13.80
CA LEU A 72 19.06 -25.19 -13.91
C LEU A 72 19.30 -24.18 -12.76
N TRP A 73 20.05 -24.52 -11.71
CA TRP A 73 20.10 -23.69 -10.47
C TRP A 73 21.53 -23.20 -10.22
N LYS A 74 22.36 -23.07 -11.26
CA LYS A 74 23.79 -22.67 -11.10
C LYS A 74 23.91 -21.18 -11.33
N PRO A 75 24.74 -20.45 -10.55
CA PRO A 75 24.94 -19.02 -10.78
C PRO A 75 25.46 -18.65 -12.19
N GLU A 76 26.37 -19.44 -12.77
CA GLU A 76 26.90 -19.22 -14.15
C GLU A 76 25.77 -19.25 -15.20
N ALA A 77 24.76 -20.13 -15.06
CA ALA A 77 23.62 -20.17 -16.01
C ALA A 77 22.78 -18.90 -15.90
N PHE A 78 22.51 -18.40 -14.69
CA PHE A 78 21.73 -17.17 -14.50
C PHE A 78 22.48 -16.00 -15.15
N SER A 79 23.79 -15.91 -14.96
CA SER A 79 24.61 -14.81 -15.56
C SER A 79 24.56 -14.86 -17.09
N GLN A 80 24.74 -16.04 -17.69
CA GLN A 80 24.77 -16.26 -19.15
C GLN A 80 23.40 -15.93 -19.76
N GLU A 81 22.30 -16.37 -19.14
CA GLU A 81 20.94 -16.24 -19.75
C GLU A 81 20.35 -14.85 -19.49
N PHE A 82 20.66 -14.18 -18.37
CA PHE A 82 19.90 -12.98 -17.93
C PHE A 82 20.83 -11.80 -17.64
N GLY A 83 22.13 -11.94 -17.92
CA GLY A 83 23.19 -11.03 -17.41
C GLY A 83 22.97 -9.59 -17.80
N ASP A 84 22.26 -9.35 -18.93
CA ASP A 84 22.08 -7.98 -19.47
C ASP A 84 20.94 -7.19 -18.81
N GLN A 85 20.11 -7.80 -17.96
CA GLN A 85 19.02 -7.06 -17.26
C GLN A 85 19.56 -6.07 -16.26
N ASP A 86 18.86 -4.94 -16.10
CA ASP A 86 19.14 -3.85 -15.12
C ASP A 86 18.47 -4.16 -13.77
N VAL A 87 19.15 -3.91 -12.64
CA VAL A 87 18.68 -4.31 -11.28
C VAL A 87 19.27 -3.35 -10.28
N ASP A 88 18.73 -3.36 -9.05
CA ASP A 88 19.40 -2.71 -7.90
C ASP A 88 19.91 -3.79 -6.96
N LEU A 89 21.00 -3.51 -6.24
CA LEU A 89 21.53 -4.43 -5.21
C LEU A 89 21.48 -3.69 -3.87
N VAL A 90 21.60 -4.42 -2.77
CA VAL A 90 21.75 -3.82 -1.42
C VAL A 90 23.09 -4.25 -0.81
N ASN A 91 23.83 -3.32 -0.21
CA ASN A 91 25.03 -3.60 0.62
C ASN A 91 24.52 -4.07 2.00
N CYS A 92 24.66 -5.37 2.31
CA CYS A 92 24.07 -5.94 3.56
C CYS A 92 24.68 -5.28 4.80
N ARG A 93 25.92 -4.76 4.77
CA ARG A 93 26.63 -4.24 5.96
C ARG A 93 26.04 -2.89 6.39
N ASN A 94 25.51 -2.07 5.46
CA ASN A 94 25.06 -0.68 5.79
C ASN A 94 23.69 -0.35 5.19
N CYS A 95 23.04 -1.27 4.47
CA CYS A 95 21.72 -1.05 3.80
C CYS A 95 21.75 -0.06 2.62
N ALA A 96 22.89 0.40 2.17
CA ALA A 96 23.00 1.29 0.99
C ALA A 96 22.53 0.55 -0.26
N ILE A 97 21.85 1.28 -1.15
CA ILE A 97 21.31 0.72 -2.43
C ILE A 97 22.30 1.03 -3.55
N ILE A 98 22.67 0.01 -4.33
CA ILE A 98 23.51 0.16 -5.54
C ILE A 98 22.54 0.14 -6.73
N SER A 99 22.28 1.31 -7.32
CA SER A 99 21.18 1.53 -8.29
C SER A 99 21.61 1.21 -9.72
N ASP A 100 20.76 0.52 -10.45
CA ASP A 100 20.79 0.49 -11.94
C ASP A 100 22.11 -0.09 -12.44
N VAL A 101 22.45 -1.30 -12.00
CA VAL A 101 23.61 -2.07 -12.50
C VAL A 101 23.09 -3.30 -13.24
N LYS A 102 23.98 -4.00 -13.96
CA LYS A 102 23.65 -5.23 -14.71
C LYS A 102 23.60 -6.41 -13.73
N VAL A 103 22.67 -7.32 -13.93
CA VAL A 103 22.57 -8.53 -13.07
C VAL A 103 23.85 -9.39 -13.15
N ARG A 104 24.57 -9.41 -14.29
CA ARG A 104 25.89 -10.13 -14.30
C ARG A 104 26.89 -9.56 -13.28
N ASP A 105 26.80 -8.28 -12.89
CA ASP A 105 27.74 -7.65 -11.92
C ASP A 105 27.57 -8.29 -10.53
N PHE A 106 26.35 -8.73 -10.20
CA PHE A 106 26.04 -9.56 -8.99
C PHE A 106 26.52 -11.01 -9.22
N TRP A 107 26.05 -11.69 -10.27
CA TRP A 107 26.31 -13.16 -10.42
C TRP A 107 27.82 -13.47 -10.59
N ASP A 108 28.59 -12.65 -11.32
CA ASP A 108 30.00 -13.05 -11.63
C ASP A 108 30.89 -12.96 -10.37
N GLY A 109 30.46 -12.25 -9.32
CA GLY A 109 31.14 -12.25 -8.02
C GLY A 109 30.51 -13.20 -6.98
N PHE A 110 29.58 -14.06 -7.34
CA PHE A 110 28.81 -14.92 -6.39
C PHE A 110 29.77 -15.79 -5.56
N GLU A 111 30.77 -16.37 -6.23
CA GLU A 111 31.72 -17.36 -5.65
C GLU A 111 33.17 -16.85 -5.74
N ILE A 112 33.52 -16.03 -6.73
CA ILE A 112 34.91 -15.49 -6.87
C ILE A 112 34.97 -14.11 -6.23
N ILE A 113 35.61 -14.01 -5.06
CA ILE A 113 35.57 -12.80 -4.22
C ILE A 113 36.26 -11.63 -4.93
N CYS A 114 37.37 -11.88 -5.67
CA CYS A 114 38.16 -10.82 -6.36
C CYS A 114 37.29 -10.16 -7.45
N LYS A 115 36.15 -10.74 -7.84
CA LYS A 115 35.27 -10.14 -8.89
C LYS A 115 34.10 -9.32 -8.29
N ARG A 116 33.99 -9.15 -6.97
CA ARG A 116 32.87 -8.39 -6.35
C ARG A 116 33.10 -6.90 -6.41
N LEU A 117 32.02 -6.12 -6.58
CA LEU A 117 32.00 -4.65 -6.40
C LEU A 117 32.56 -4.29 -5.02
N ARG A 118 33.38 -3.21 -4.97
CA ARG A 118 34.07 -2.76 -3.73
C ARG A 118 33.42 -1.52 -3.14
N SER A 119 33.38 -1.48 -1.80
CA SER A 119 33.03 -0.27 -1.03
C SER A 119 34.24 0.69 -1.07
N GLU A 120 34.03 1.95 -0.68
CA GLU A 120 35.07 3.02 -0.60
C GLU A 120 36.30 2.51 0.15
N ASP A 121 36.12 1.72 1.20
CA ASP A 121 37.24 1.20 2.03
C ASP A 121 38.10 0.20 1.24
N GLY A 122 37.71 -0.14 -0.01
CA GLY A 122 38.40 -1.13 -0.85
C GLY A 122 38.12 -2.59 -0.50
N GLN A 123 37.13 -2.89 0.36
CA GLN A 123 36.77 -4.31 0.68
C GLN A 123 35.76 -4.80 -0.34
N PRO A 124 35.75 -6.09 -0.70
CA PRO A 124 34.65 -6.62 -1.49
C PRO A 124 33.33 -6.57 -0.69
N MET A 125 32.25 -6.11 -1.32
CA MET A 125 30.94 -5.96 -0.63
C MET A 125 30.22 -7.31 -0.46
N VAL A 126 29.42 -7.42 0.61
CA VAL A 126 28.44 -8.52 0.76
C VAL A 126 27.11 -8.00 0.23
N LEU A 127 26.65 -8.54 -0.91
CA LEU A 127 25.51 -7.97 -1.65
C LEU A 127 24.33 -8.93 -1.64
N LYS A 128 23.15 -8.33 -1.71
CA LYS A 128 21.86 -9.00 -1.95
C LYS A 128 21.28 -8.44 -3.25
N LEU A 129 20.82 -9.31 -4.15
CA LEU A 129 20.11 -8.93 -5.39
C LEU A 129 18.63 -8.66 -5.05
N LYS A 130 18.18 -7.41 -5.23
CA LYS A 130 16.83 -6.96 -4.80
C LYS A 130 15.79 -7.27 -5.89
N ASP A 131 14.68 -7.92 -5.53
CA ASP A 131 13.43 -8.04 -6.37
C ASP A 131 13.76 -8.58 -7.76
N TRP A 132 14.29 -9.79 -7.87
CA TRP A 132 14.70 -10.43 -9.16
C TRP A 132 14.46 -11.92 -9.13
N PRO A 133 13.73 -12.51 -10.11
CA PRO A 133 12.93 -11.77 -11.08
C PRO A 133 11.91 -10.84 -10.42
N PRO A 134 11.57 -9.70 -11.07
CA PRO A 134 10.77 -8.66 -10.43
C PRO A 134 9.28 -9.02 -10.35
N GLY A 135 8.63 -8.51 -9.28
CA GLY A 135 7.17 -8.69 -9.03
C GLY A 135 6.78 -10.15 -9.17
N GLU A 136 5.88 -10.46 -10.10
CA GLU A 136 5.30 -11.83 -10.33
C GLU A 136 5.88 -12.43 -11.61
N ASP A 137 7.02 -11.95 -12.11
CA ASP A 137 7.53 -12.32 -13.46
C ASP A 137 8.32 -13.63 -13.44
N PHE A 138 8.44 -14.36 -12.31
CA PHE A 138 9.30 -15.58 -12.28
C PHE A 138 8.87 -16.55 -13.38
N ARG A 139 7.57 -16.86 -13.47
CA ARG A 139 7.02 -17.92 -14.37
C ARG A 139 7.28 -17.56 -15.84
N ASP A 140 7.04 -16.31 -16.22
CA ASP A 140 7.23 -15.84 -17.62
C ASP A 140 8.71 -15.82 -17.98
N MET A 141 9.58 -15.35 -17.09
CA MET A 141 11.03 -15.17 -17.37
C MET A 141 11.72 -16.53 -17.39
N MET A 142 11.31 -17.47 -16.51
CA MET A 142 12.00 -18.76 -16.29
C MET A 142 11.02 -19.95 -16.29
N PRO A 143 10.36 -20.30 -17.41
CA PRO A 143 9.31 -21.32 -17.40
C PRO A 143 9.80 -22.74 -17.05
N THR A 144 11.03 -23.08 -17.41
CA THR A 144 11.62 -24.40 -17.12
C THR A 144 11.94 -24.53 -15.61
N ARG A 145 12.48 -23.47 -14.98
CA ARG A 145 12.78 -23.41 -13.51
C ARG A 145 11.47 -23.50 -12.74
N PHE A 146 10.46 -22.78 -13.19
CA PHE A 146 9.14 -22.78 -12.55
C PHE A 146 8.60 -24.21 -12.46
N GLU A 147 8.64 -24.94 -13.58
CA GLU A 147 8.12 -26.33 -13.68
C GLU A 147 8.91 -27.23 -12.72
N ASP A 148 10.25 -27.16 -12.76
CA ASP A 148 11.14 -28.04 -11.96
C ASP A 148 10.85 -27.83 -10.45
N LEU A 149 10.70 -26.58 -10.04
CA LEU A 149 10.45 -26.29 -8.60
C LEU A 149 9.03 -26.73 -8.24
N MET A 150 8.01 -26.24 -8.94
CA MET A 150 6.58 -26.44 -8.51
C MET A 150 6.21 -27.92 -8.47
N GLU A 151 6.79 -28.76 -9.35
CA GLU A 151 6.49 -30.20 -9.45
C GLU A 151 7.20 -30.99 -8.33
N ASN A 152 8.12 -30.36 -7.60
CA ASN A 152 8.93 -31.08 -6.58
C ASN A 152 8.77 -30.44 -5.18
N LEU A 153 7.87 -29.49 -4.98
CA LEU A 153 7.65 -28.93 -3.61
C LEU A 153 7.10 -30.05 -2.71
N PRO A 154 7.59 -30.14 -1.46
CA PRO A 154 7.01 -31.08 -0.49
C PRO A 154 5.63 -30.60 -0.01
N LEU A 155 4.84 -31.52 0.60
CA LEU A 155 3.46 -31.25 1.13
C LEU A 155 2.64 -30.57 0.03
N PRO A 156 2.53 -31.18 -1.17
CA PRO A 156 1.91 -30.51 -2.32
C PRO A 156 0.42 -30.17 -2.19
N GLU A 157 -0.37 -30.83 -1.31
CA GLU A 157 -1.78 -30.41 -1.08
C GLU A 157 -1.84 -29.02 -0.42
N TYR A 158 -0.80 -28.67 0.35
CA TYR A 158 -0.63 -27.33 0.96
C TYR A 158 0.06 -26.35 0.00
N THR A 159 1.09 -26.77 -0.74
CA THR A 159 2.04 -25.80 -1.34
C THR A 159 1.76 -25.51 -2.84
N LYS A 160 1.11 -26.40 -3.57
CA LYS A 160 0.80 -26.16 -5.03
C LYS A 160 -0.32 -25.12 -5.18
N ARG A 161 -0.30 -24.33 -6.28
CA ARG A 161 -1.23 -23.17 -6.43
C ARG A 161 -2.69 -23.62 -6.26
N ASP A 162 -3.02 -24.83 -6.74
CA ASP A 162 -4.36 -25.45 -6.78
C ASP A 162 -4.45 -26.64 -5.81
N GLY A 163 -3.55 -26.76 -4.82
CA GLY A 163 -3.67 -27.83 -3.79
C GLY A 163 -4.96 -27.72 -3.03
N ARG A 164 -5.52 -28.85 -2.62
CA ARG A 164 -6.80 -28.95 -1.83
C ARG A 164 -6.69 -28.24 -0.47
N LEU A 165 -5.51 -28.11 0.15
CA LEU A 165 -5.39 -27.45 1.47
C LEU A 165 -4.71 -26.09 1.30
N ASN A 166 -4.69 -25.55 0.08
CA ASN A 166 -4.24 -24.14 -0.16
C ASN A 166 -5.48 -23.29 -0.45
N LEU A 167 -5.87 -22.41 0.45
CA LEU A 167 -7.09 -21.60 0.27
C LEU A 167 -6.78 -20.32 -0.57
N ALA A 168 -5.56 -20.13 -1.09
CA ALA A 168 -5.16 -18.84 -1.73
C ALA A 168 -6.16 -18.45 -2.83
N SER A 169 -6.55 -19.39 -3.69
CA SER A 169 -7.36 -19.11 -4.90
C SER A 169 -8.85 -19.14 -4.55
N ARG A 170 -9.20 -19.36 -3.28
CA ARG A 170 -10.58 -19.70 -2.87
C ARG A 170 -11.15 -18.65 -1.91
N LEU A 171 -10.43 -17.59 -1.56
CA LEU A 171 -10.89 -16.68 -0.47
C LEU A 171 -11.46 -15.38 -1.05
N PRO A 172 -12.48 -14.76 -0.44
CA PRO A 172 -12.94 -13.44 -0.90
C PRO A 172 -12.01 -12.34 -0.37
N SER A 173 -12.35 -11.09 -0.69
CA SER A 173 -11.50 -9.89 -0.52
C SER A 173 -11.39 -9.50 0.96
N TYR A 174 -12.19 -10.11 1.81
CA TYR A 174 -12.05 -10.01 3.28
C TYR A 174 -10.72 -10.61 3.75
N PHE A 175 -10.01 -11.36 2.90
CA PHE A 175 -8.67 -11.95 3.20
C PHE A 175 -7.60 -11.35 2.31
N VAL A 176 -6.42 -11.05 2.87
CA VAL A 176 -5.22 -10.64 2.10
C VAL A 176 -4.68 -11.89 1.43
N ARG A 177 -4.67 -11.93 0.11
CA ARG A 177 -4.23 -13.08 -0.71
C ARG A 177 -2.77 -12.86 -1.11
N PRO A 178 -1.91 -13.89 -1.16
CA PRO A 178 -0.53 -13.70 -1.60
C PRO A 178 -0.44 -13.43 -3.11
N ASP A 179 0.63 -12.77 -3.54
CA ASP A 179 0.99 -12.57 -4.97
C ASP A 179 1.26 -13.94 -5.56
N LEU A 180 1.22 -14.03 -6.89
CA LEU A 180 1.67 -15.22 -7.66
C LEU A 180 3.21 -15.30 -7.55
N GLY A 181 3.69 -16.49 -7.19
CA GLY A 181 5.12 -16.75 -6.93
C GLY A 181 5.61 -17.72 -7.98
N PRO A 182 6.73 -18.40 -7.75
CA PRO A 182 7.57 -18.18 -6.58
C PRO A 182 8.40 -16.90 -6.66
N LYS A 183 9.16 -16.63 -5.61
CA LYS A 183 10.08 -15.47 -5.49
C LYS A 183 11.48 -16.02 -5.22
N MET A 184 12.49 -15.42 -5.82
CA MET A 184 13.87 -15.90 -5.73
C MET A 184 14.61 -14.97 -4.78
N TYR A 185 15.48 -15.50 -3.91
CA TYR A 185 16.22 -14.74 -2.88
C TYR A 185 17.71 -15.08 -3.03
N ASN A 186 18.48 -14.12 -3.55
CA ASN A 186 19.90 -14.34 -3.96
C ASN A 186 20.77 -13.36 -3.19
N ALA A 187 21.78 -13.85 -2.46
CA ALA A 187 22.69 -12.99 -1.70
C ALA A 187 24.00 -13.70 -1.37
N TYR A 188 25.06 -12.91 -1.23
CA TYR A 188 26.39 -13.39 -0.80
C TYR A 188 26.32 -13.87 0.67
N GLY A 189 27.31 -14.64 1.12
CA GLY A 189 27.51 -14.96 2.54
C GLY A 189 28.16 -13.82 3.31
N LEU A 190 27.77 -13.68 4.57
CA LEU A 190 28.39 -12.76 5.55
C LEU A 190 29.69 -13.45 6.03
N ILE A 191 30.71 -12.66 6.29
CA ILE A 191 32.13 -13.15 6.31
C ILE A 191 32.77 -12.94 7.69
N THR A 192 32.77 -11.71 8.19
CA THR A 192 33.63 -11.29 9.32
C THR A 192 32.92 -11.44 10.66
N ALA A 193 33.70 -11.25 11.74
CA ALA A 193 33.20 -11.23 13.14
C ALA A 193 32.16 -10.12 13.29
N GLU A 194 32.42 -8.91 12.75
CA GLU A 194 31.42 -7.81 12.79
C GLU A 194 30.17 -8.18 11.99
N ASP A 195 30.30 -8.95 10.90
CA ASP A 195 29.17 -9.37 10.05
C ASP A 195 28.18 -10.22 10.88
N ARG A 196 28.63 -10.79 12.01
CA ARG A 196 27.83 -11.76 12.80
C ARG A 196 26.54 -11.07 13.33
N ARG A 197 26.55 -9.76 13.49
CA ARG A 197 25.44 -8.93 14.00
C ARG A 197 24.50 -8.44 12.89
N VAL A 198 24.74 -8.78 11.62
CA VAL A 198 24.00 -8.22 10.45
C VAL A 198 23.07 -9.31 9.92
N GLY A 199 21.90 -8.95 9.37
CA GLY A 199 21.01 -9.90 8.68
C GLY A 199 21.15 -9.84 7.17
N THR A 200 20.93 -10.95 6.49
CA THR A 200 20.69 -10.98 5.02
C THR A 200 19.27 -10.45 4.79
N THR A 201 18.29 -11.01 5.52
CA THR A 201 16.91 -10.49 5.61
C THR A 201 16.60 -10.20 7.10
N ASN A 202 16.25 -8.95 7.39
CA ASN A 202 15.92 -8.50 8.77
C ASN A 202 14.60 -9.11 9.27
N LEU A 203 14.40 -9.01 10.59
CA LEU A 203 13.20 -9.54 11.28
C LEU A 203 11.92 -8.93 10.68
N HIS A 204 10.98 -9.77 10.26
CA HIS A 204 9.68 -9.36 9.70
C HIS A 204 8.67 -10.50 9.82
N LEU A 205 7.41 -10.26 9.43
CA LEU A 205 6.44 -11.38 9.39
C LEU A 205 5.63 -11.24 8.10
N ASP A 206 5.02 -12.32 7.67
CA ASP A 206 4.16 -12.43 6.46
C ASP A 206 2.78 -12.90 6.91
N VAL A 207 1.70 -12.45 6.27
CA VAL A 207 0.32 -12.86 6.69
C VAL A 207 -0.08 -14.19 6.07
N SER A 208 0.70 -14.67 5.10
N SER A 208 0.69 -14.67 5.08
CA SER A 208 0.53 -16.00 4.45
CA SER A 208 0.54 -16.00 4.45
C SER A 208 1.60 -16.98 4.96
C SER A 208 1.58 -16.97 4.99
N ASP A 209 1.33 -18.28 4.85
CA ASP A 209 2.33 -19.34 5.09
C ASP A 209 3.36 -19.27 3.94
N ALA A 210 4.56 -19.79 4.14
CA ALA A 210 5.55 -19.90 3.03
C ALA A 210 6.36 -21.18 3.16
N VAL A 211 6.84 -21.67 2.02
CA VAL A 211 7.89 -22.74 1.95
C VAL A 211 9.12 -22.18 1.21
N ASN A 212 10.28 -22.23 1.85
CA ASN A 212 11.55 -21.66 1.32
C ASN A 212 12.53 -22.80 1.06
N VAL A 213 12.94 -23.01 -0.19
CA VAL A 213 13.86 -24.10 -0.59
C VAL A 213 15.25 -23.56 -0.94
N MET A 214 16.30 -24.15 -0.36
CA MET A 214 17.73 -23.85 -0.68
C MET A 214 18.13 -24.69 -1.91
N VAL A 215 18.27 -24.06 -3.08
CA VAL A 215 18.51 -24.80 -4.38
C VAL A 215 19.99 -24.69 -4.74
N TYR A 216 20.79 -23.84 -4.08
CA TYR A 216 22.25 -23.77 -4.39
C TYR A 216 22.97 -23.05 -3.26
N VAL A 217 24.12 -23.60 -2.86
CA VAL A 217 25.07 -23.01 -1.87
C VAL A 217 26.49 -23.02 -2.48
N GLY A 218 27.28 -21.98 -2.21
CA GLY A 218 28.66 -21.83 -2.72
C GLY A 218 29.66 -21.68 -1.59
N ILE A 219 30.51 -22.69 -1.37
CA ILE A 219 31.60 -22.71 -0.35
C ILE A 219 32.93 -22.46 -1.09
N PRO A 220 33.30 -21.18 -1.32
CA PRO A 220 34.28 -20.80 -2.34
C PRO A 220 35.71 -20.46 -1.88
N ILE A 221 36.52 -19.89 -2.79
CA ILE A 221 37.94 -19.46 -2.54
C ILE A 221 38.18 -18.01 -3.02
N GLY A 222 39.43 -17.59 -2.90
CA GLY A 222 39.98 -16.20 -2.95
C GLY A 222 40.28 -15.79 -1.52
N GLU A 223 39.24 -15.79 -0.69
CA GLU A 223 39.29 -15.70 0.80
C GLU A 223 38.72 -17.01 1.37
N GLY A 224 38.95 -18.13 0.66
CA GLY A 224 38.40 -19.46 1.01
C GLY A 224 39.24 -20.16 2.07
N ALA A 225 38.72 -20.16 3.30
CA ALA A 225 39.30 -20.78 4.53
C ALA A 225 38.60 -20.22 5.78
N HIS A 226 37.42 -19.60 5.60
CA HIS A 226 36.69 -18.82 6.64
C HIS A 226 35.61 -19.71 7.27
N ASP A 227 35.87 -21.02 7.33
CA ASP A 227 35.01 -22.05 7.97
C ASP A 227 34.97 -21.81 9.48
N GLU A 228 36.06 -21.26 10.05
CA GLU A 228 36.20 -21.05 11.52
C GLU A 228 35.16 -20.03 12.00
N GLU A 229 34.98 -18.91 11.29
CA GLU A 229 33.95 -17.89 11.66
C GLU A 229 32.54 -18.48 11.40
N VAL A 230 32.37 -19.36 10.41
CA VAL A 230 31.05 -20.06 10.19
C VAL A 230 30.64 -20.91 11.43
N LEU A 231 31.59 -21.65 12.00
CA LEU A 231 31.40 -22.49 13.22
C LEU A 231 30.92 -21.62 14.39
N LYS A 232 31.63 -20.52 14.65
N LYS A 232 31.66 -20.52 14.65
CA LYS A 232 31.35 -19.58 15.75
CA LYS A 232 31.37 -19.57 15.75
C LYS A 232 29.97 -18.94 15.57
C LYS A 232 29.97 -18.95 15.56
N THR A 233 29.57 -18.67 14.32
CA THR A 233 28.26 -18.04 14.00
C THR A 233 27.11 -19.00 14.38
N ILE A 234 27.25 -20.27 14.01
CA ILE A 234 26.26 -21.36 14.28
C ILE A 234 26.16 -21.59 15.79
N ASP A 235 27.31 -21.63 16.46
CA ASP A 235 27.42 -21.88 17.92
C ASP A 235 26.75 -20.74 18.72
N GLU A 236 27.16 -19.50 18.47
CA GLU A 236 26.62 -18.27 19.11
C GLU A 236 25.16 -18.03 18.62
N GLY A 237 24.79 -18.57 17.46
CA GLY A 237 23.41 -18.53 16.94
C GLY A 237 22.47 -19.45 17.70
N ASP A 238 22.99 -20.31 18.63
CA ASP A 238 22.18 -21.15 19.56
C ASP A 238 21.72 -22.44 18.87
N ALA A 239 22.44 -22.92 17.86
CA ALA A 239 22.08 -24.13 17.10
C ALA A 239 22.27 -25.35 18.00
N ASP A 240 21.38 -26.33 17.91
CA ASP A 240 21.33 -27.51 18.83
C ASP A 240 22.47 -28.47 18.44
N GLU A 241 22.78 -29.38 19.38
CA GLU A 241 23.92 -30.34 19.32
C GLU A 241 23.73 -31.28 18.13
N VAL A 242 22.49 -31.63 17.78
CA VAL A 242 22.18 -32.57 16.66
C VAL A 242 22.41 -31.85 15.32
N THR A 243 22.08 -30.55 15.25
CA THR A 243 22.45 -29.65 14.12
C THR A 243 23.97 -29.45 14.14
N LYS A 244 24.57 -29.33 15.33
CA LYS A 244 26.06 -29.25 15.50
C LYS A 244 26.69 -30.56 14.99
N GLU A 245 26.04 -31.70 15.21
CA GLU A 245 26.47 -33.03 14.69
C GLU A 245 26.36 -33.06 13.16
N ARG A 246 25.30 -32.46 12.59
CA ARG A 246 25.05 -32.42 11.11
C ARG A 246 26.11 -31.52 10.45
N ILE A 247 26.52 -30.43 11.11
CA ILE A 247 27.56 -29.47 10.61
C ILE A 247 28.92 -30.19 10.57
N HIS A 248 29.36 -30.76 11.69
CA HIS A 248 30.73 -31.31 11.89
C HIS A 248 30.90 -32.69 11.23
N ASP A 249 29.81 -33.29 10.74
CA ASP A 249 29.84 -34.55 9.93
C ASP A 249 30.51 -34.27 8.57
N HIS A 250 30.16 -33.15 7.93
CA HIS A 250 30.79 -32.59 6.70
C HIS A 250 30.33 -33.36 5.45
N LYS A 251 29.10 -33.90 5.46
CA LYS A 251 28.48 -34.63 4.32
C LYS A 251 27.63 -33.64 3.48
N GLU A 252 27.00 -32.65 4.13
CA GLU A 252 25.99 -31.75 3.48
C GLU A 252 26.45 -30.28 3.54
N LYS A 253 25.97 -29.48 2.58
CA LYS A 253 26.36 -28.05 2.39
C LYS A 253 25.46 -27.16 3.24
N PRO A 254 25.98 -26.51 4.32
CA PRO A 254 25.22 -25.50 5.06
C PRO A 254 25.11 -24.17 4.27
N GLY A 255 23.92 -23.56 4.32
CA GLY A 255 23.61 -22.30 3.60
C GLY A 255 23.43 -21.12 4.55
N ALA A 256 22.36 -21.13 5.35
CA ALA A 256 21.90 -19.93 6.11
C ALA A 256 21.44 -20.32 7.52
N LEU A 257 21.55 -19.35 8.44
CA LEU A 257 21.05 -19.44 9.85
C LEU A 257 19.78 -18.59 9.95
N TRP A 258 18.67 -19.24 10.32
CA TRP A 258 17.35 -18.62 10.56
C TRP A 258 17.10 -18.55 12.08
N HIS A 259 16.42 -17.51 12.54
CA HIS A 259 15.67 -17.49 13.82
C HIS A 259 14.19 -17.27 13.49
N ILE A 260 13.33 -18.17 13.96
CA ILE A 260 11.87 -18.02 13.81
C ILE A 260 11.26 -17.99 15.23
N TYR A 261 10.18 -17.20 15.39
CA TYR A 261 9.42 -17.01 16.65
C TYR A 261 7.96 -17.35 16.38
N ALA A 262 7.27 -17.90 17.38
CA ALA A 262 5.81 -18.18 17.30
C ALA A 262 5.02 -16.91 17.04
N ALA A 263 3.98 -16.97 16.23
CA ALA A 263 3.07 -15.84 15.95
C ALA A 263 2.57 -15.24 17.26
N LYS A 264 2.32 -16.08 18.29
CA LYS A 264 1.72 -15.58 19.55
C LYS A 264 2.72 -14.69 20.31
N ASP A 265 4.02 -14.71 19.98
CA ASP A 265 5.06 -13.93 20.66
C ASP A 265 5.34 -12.58 19.95
N ALA A 266 4.70 -12.27 18.83
CA ALA A 266 5.05 -11.07 18.02
C ALA A 266 4.96 -9.78 18.84
N GLU A 267 3.93 -9.61 19.68
CA GLU A 267 3.77 -8.33 20.44
C GLU A 267 4.87 -8.19 21.50
N LYS A 268 5.23 -9.27 22.21
CA LYS A 268 6.39 -9.22 23.15
C LYS A 268 7.65 -8.79 22.41
N ILE A 269 7.87 -9.31 21.20
CA ILE A 269 9.03 -8.87 20.39
C ILE A 269 8.86 -7.37 20.09
N ARG A 270 7.67 -6.90 19.71
CA ARG A 270 7.53 -5.43 19.50
C ARG A 270 7.90 -4.62 20.77
N GLU A 271 7.48 -5.07 21.96
CA GLU A 271 7.78 -4.36 23.22
C GLU A 271 9.29 -4.27 23.41
N LEU A 272 10.06 -5.34 23.20
CA LEU A 272 11.54 -5.34 23.39
C LEU A 272 12.15 -4.32 22.42
N LEU A 273 11.70 -4.33 21.18
CA LEU A 273 12.34 -3.47 20.15
C LEU A 273 11.97 -1.99 20.34
N ARG A 274 10.77 -1.69 20.88
CA ARG A 274 10.43 -0.29 21.32
C ARG A 274 11.37 0.19 22.43
N LYS A 275 11.62 -0.63 23.44
CA LYS A 275 12.51 -0.28 24.58
C LYS A 275 13.94 -0.08 24.05
N VAL A 276 14.43 -1.00 23.22
CA VAL A 276 15.82 -0.86 22.66
C VAL A 276 15.91 0.40 21.76
N GLY A 277 14.93 0.66 20.90
CA GLY A 277 14.92 1.87 20.05
C GLY A 277 15.04 3.14 20.90
N GLU A 278 14.34 3.16 22.04
CA GLU A 278 14.36 4.29 23.01
C GLU A 278 15.76 4.37 23.65
N GLU A 279 16.35 3.25 24.10
CA GLU A 279 17.70 3.26 24.71
C GLU A 279 18.73 3.81 23.72
N GLN A 280 18.54 3.62 22.41
CA GLN A 280 19.50 4.01 21.35
C GLN A 280 19.12 5.40 20.80
N GLY A 281 18.27 6.13 21.51
CA GLY A 281 17.87 7.52 21.15
C GLY A 281 17.12 7.60 19.84
N GLN A 282 16.44 6.53 19.38
CA GLN A 282 15.41 6.67 18.32
C GLN A 282 14.23 7.42 18.95
N GLU A 283 13.47 8.18 18.16
CA GLU A 283 12.33 8.98 18.64
C GLU A 283 11.09 8.46 17.91
N ASN A 284 10.37 7.55 18.56
CA ASN A 284 9.33 6.69 17.91
C ASN A 284 8.03 6.83 18.70
N PRO A 285 6.86 7.05 18.05
CA PRO A 285 5.56 7.01 18.75
C PRO A 285 5.35 5.67 19.45
N PRO A 286 4.62 5.64 20.59
CA PRO A 286 4.52 4.43 21.43
C PRO A 286 3.88 3.22 20.71
N ASP A 287 3.24 3.47 19.57
CA ASP A 287 2.39 2.53 18.81
C ASP A 287 3.14 1.96 17.58
N HIS A 288 4.28 2.54 17.19
CA HIS A 288 4.98 2.20 15.92
C HIS A 288 5.37 0.70 15.92
N ASP A 289 5.48 0.12 14.73
CA ASP A 289 5.66 -1.35 14.57
C ASP A 289 7.08 -1.68 14.13
N PRO A 290 8.01 -1.99 15.04
CA PRO A 290 9.40 -2.32 14.67
C PRO A 290 9.54 -3.61 13.85
N ILE A 291 8.55 -4.50 13.89
CA ILE A 291 8.59 -5.72 13.05
C ILE A 291 8.22 -5.32 11.61
N HIS A 292 7.12 -4.56 11.41
CA HIS A 292 6.69 -4.15 10.04
C HIS A 292 7.79 -3.29 9.36
N ASP A 293 8.53 -2.49 10.12
CA ASP A 293 9.65 -1.63 9.64
C ASP A 293 10.78 -2.43 8.99
N GLN A 294 10.99 -3.68 9.38
CA GLN A 294 11.98 -4.61 8.78
C GLN A 294 13.39 -4.01 8.93
N SER A 295 13.62 -3.39 10.08
CA SER A 295 14.81 -2.57 10.32
C SER A 295 15.74 -3.26 11.33
N TRP A 296 15.31 -4.31 12.03
CA TRP A 296 16.10 -4.96 13.12
C TRP A 296 16.62 -6.35 12.72
N TYR A 297 17.83 -6.69 13.19
CA TYR A 297 18.34 -8.09 13.24
C TYR A 297 18.61 -8.40 14.71
N LEU A 298 18.04 -9.48 15.25
CA LEU A 298 18.29 -9.87 16.66
C LEU A 298 19.61 -10.62 16.74
N ASP A 299 20.66 -9.96 17.27
CA ASP A 299 22.01 -10.54 17.49
C ASP A 299 22.02 -11.35 18.80
N GLN A 300 23.14 -11.96 19.20
CA GLN A 300 23.20 -12.79 20.41
C GLN A 300 22.71 -12.02 21.66
N THR A 301 23.08 -10.74 21.80
CA THR A 301 22.65 -9.89 22.94
C THR A 301 21.13 -9.75 22.96
N LEU A 302 20.53 -9.45 21.81
CA LEU A 302 19.07 -9.16 21.78
C LEU A 302 18.30 -10.46 21.98
N ARG A 303 18.79 -11.59 21.44
CA ARG A 303 18.08 -12.89 21.59
C ARG A 303 18.10 -13.29 23.06
N LYS A 304 19.22 -13.09 23.75
CA LYS A 304 19.32 -13.42 25.19
C LYS A 304 18.35 -12.54 26.04
N ARG A 305 18.31 -11.24 25.76
CA ARG A 305 17.38 -10.26 26.38
C ARG A 305 15.91 -10.66 26.13
N LEU A 306 15.59 -11.14 24.93
CA LEU A 306 14.20 -11.54 24.57
C LEU A 306 13.79 -12.70 25.49
N TYR A 307 14.67 -13.68 25.65
CA TYR A 307 14.47 -14.87 26.51
C TYR A 307 14.37 -14.45 28.01
N GLU A 308 15.37 -13.71 28.52
CA GLU A 308 15.53 -13.44 29.98
C GLU A 308 14.42 -12.46 30.43
N GLU A 309 14.19 -11.38 29.68
CA GLU A 309 13.33 -10.25 30.11
C GLU A 309 11.87 -10.44 29.68
N TYR A 310 11.56 -11.26 28.65
CA TYR A 310 10.18 -11.36 28.10
C TYR A 310 9.71 -12.81 28.09
N GLY A 311 10.56 -13.78 28.40
CA GLY A 311 10.10 -15.18 28.45
C GLY A 311 9.94 -15.86 27.09
N VAL A 312 10.56 -15.33 26.03
CA VAL A 312 10.31 -15.77 24.62
C VAL A 312 11.49 -16.61 24.10
N GLN A 313 11.18 -17.83 23.67
CA GLN A 313 12.13 -18.77 23.04
C GLN A 313 11.75 -18.90 21.56
N GLY A 314 12.75 -18.94 20.70
CA GLY A 314 12.59 -19.16 19.25
C GLY A 314 13.14 -20.51 18.83
N TRP A 315 13.24 -20.69 17.53
CA TRP A 315 13.84 -21.84 16.85
C TRP A 315 15.04 -21.30 16.03
N ALA A 316 16.24 -21.77 16.31
CA ALA A 316 17.48 -21.51 15.55
C ALA A 316 17.66 -22.66 14.56
N ILE A 317 17.56 -22.40 13.26
CA ILE A 317 17.47 -23.42 12.17
C ILE A 317 18.61 -23.16 11.19
N VAL A 318 19.45 -24.16 10.93
CA VAL A 318 20.47 -24.06 9.87
C VAL A 318 19.88 -24.74 8.64
N GLN A 319 19.70 -23.98 7.55
CA GLN A 319 19.09 -24.45 6.28
C GLN A 319 20.26 -24.88 5.36
N PHE A 320 20.38 -26.19 5.13
CA PHE A 320 21.41 -26.81 4.23
C PHE A 320 20.89 -26.86 2.80
N LEU A 321 21.78 -27.10 1.83
CA LEU A 321 21.36 -27.37 0.42
C LEU A 321 20.23 -28.41 0.40
N GLY A 322 19.15 -28.12 -0.31
CA GLY A 322 18.00 -29.00 -0.46
C GLY A 322 17.03 -28.98 0.73
N ASP A 323 17.30 -28.24 1.80
CA ASP A 323 16.31 -28.10 2.91
C ASP A 323 15.19 -27.13 2.54
N ALA A 324 13.94 -27.52 2.74
CA ALA A 324 12.75 -26.66 2.62
C ALA A 324 12.28 -26.25 4.02
N VAL A 325 12.33 -24.95 4.34
CA VAL A 325 11.84 -24.40 5.64
C VAL A 325 10.37 -23.95 5.44
N PHE A 326 9.47 -24.46 6.26
CA PHE A 326 8.04 -24.05 6.29
C PHE A 326 7.87 -22.98 7.38
N ILE A 327 7.44 -21.77 7.01
CA ILE A 327 7.30 -20.62 7.96
C ILE A 327 5.79 -20.35 8.15
N PRO A 328 5.28 -20.52 9.39
CA PRO A 328 3.86 -20.26 9.67
C PRO A 328 3.46 -18.77 9.48
N ALA A 329 2.28 -18.51 8.91
CA ALA A 329 1.71 -17.14 8.87
C ALA A 329 1.81 -16.47 10.24
N GLY A 330 2.22 -15.21 10.24
CA GLY A 330 2.31 -14.39 11.47
C GLY A 330 3.58 -14.61 12.26
N ALA A 331 4.42 -15.59 11.91
CA ALA A 331 5.64 -15.90 12.69
C ALA A 331 6.77 -14.93 12.34
N PRO A 332 7.25 -14.08 13.28
CA PRO A 332 8.43 -13.24 13.01
C PRO A 332 9.67 -14.08 12.70
N HIS A 333 10.48 -13.68 11.71
CA HIS A 333 11.68 -14.48 11.29
C HIS A 333 12.72 -13.59 10.58
N GLN A 334 13.97 -13.97 10.73
CA GLN A 334 15.19 -13.32 10.20
C GLN A 334 16.11 -14.40 9.59
N VAL A 335 16.96 -14.01 8.64
CA VAL A 335 17.83 -14.94 7.84
C VAL A 335 19.23 -14.29 7.78
N HIS A 336 20.29 -15.09 7.99
CA HIS A 336 21.72 -14.72 8.03
C HIS A 336 22.49 -15.72 7.15
N ASN A 337 22.83 -15.38 5.90
CA ASN A 337 23.57 -16.29 4.99
C ASN A 337 24.98 -16.53 5.53
N LEU A 338 25.34 -17.80 5.66
CA LEU A 338 26.67 -18.29 6.09
C LEU A 338 27.55 -18.31 4.85
N TYR A 339 27.04 -18.81 3.73
CA TYR A 339 27.72 -18.77 2.41
C TYR A 339 26.79 -18.14 1.36
N SER A 340 27.27 -17.99 0.10
CA SER A 340 26.41 -17.46 -0.98
C SER A 340 25.25 -18.41 -1.24
N CYS A 341 24.00 -17.90 -1.27
CA CYS A 341 22.79 -18.74 -1.39
C CYS A 341 21.87 -18.33 -2.50
N ILE A 342 21.22 -19.34 -3.11
CA ILE A 342 20.03 -19.18 -3.98
C ILE A 342 18.87 -19.89 -3.30
N LYS A 343 17.84 -19.12 -2.91
CA LYS A 343 16.63 -19.69 -2.28
C LYS A 343 15.45 -19.35 -3.20
N VAL A 344 14.45 -20.24 -3.24
CA VAL A 344 13.20 -20.01 -3.98
C VAL A 344 12.04 -20.34 -3.03
N ALA A 345 11.13 -19.40 -2.88
CA ALA A 345 10.01 -19.50 -1.90
C ALA A 345 8.66 -19.39 -2.60
N GLU A 346 7.65 -20.11 -2.09
CA GLU A 346 6.25 -20.01 -2.57
C GLU A 346 5.34 -19.73 -1.36
N ASP A 347 4.44 -18.76 -1.46
CA ASP A 347 3.44 -18.47 -0.42
C ASP A 347 2.22 -19.39 -0.61
N PHE A 348 1.49 -19.66 0.47
CA PHE A 348 0.22 -20.45 0.43
C PHE A 348 -0.61 -20.07 1.65
N VAL A 349 -1.88 -20.48 1.69
CA VAL A 349 -2.82 -20.15 2.80
C VAL A 349 -3.41 -21.47 3.31
N SER A 350 -2.82 -22.02 4.37
CA SER A 350 -3.31 -23.26 5.00
C SER A 350 -4.55 -22.94 5.83
N PRO A 351 -5.49 -23.90 5.97
CA PRO A 351 -6.65 -23.68 6.80
C PRO A 351 -6.30 -23.45 8.28
N GLU A 352 -5.21 -24.08 8.78
CA GLU A 352 -4.68 -23.98 10.17
C GLU A 352 -4.43 -22.50 10.50
N HIS A 353 -4.03 -21.68 9.53
CA HIS A 353 -3.50 -20.31 9.85
C HIS A 353 -4.23 -19.18 9.09
N VAL A 354 -5.38 -19.47 8.49
CA VAL A 354 -6.12 -18.46 7.68
C VAL A 354 -6.53 -17.24 8.54
N LYS A 355 -6.72 -17.36 9.85
CA LYS A 355 -7.01 -16.20 10.74
C LYS A 355 -5.98 -15.10 10.53
N HIS A 356 -4.72 -15.42 10.17
CA HIS A 356 -3.63 -14.41 10.14
C HIS A 356 -3.83 -13.42 8.98
N CYS A 357 -4.61 -13.74 7.94
CA CYS A 357 -4.80 -12.85 6.76
C CYS A 357 -6.21 -12.21 6.72
N PHE A 358 -7.07 -12.46 7.72
CA PHE A 358 -8.47 -11.91 7.77
C PHE A 358 -8.41 -10.40 8.05
N ARG A 359 -9.16 -9.56 7.34
CA ARG A 359 -9.07 -8.07 7.45
C ARG A 359 -9.96 -7.48 8.55
N LEU A 360 -10.72 -8.25 9.32
CA LEU A 360 -11.55 -7.70 10.43
C LEU A 360 -11.12 -8.25 11.81
N THR A 361 -11.63 -7.60 12.87
CA THR A 361 -11.43 -7.83 14.33
C THR A 361 -9.94 -8.03 14.65
N MET B 23 -27.53 44.24 -0.84
CA MET B 23 -27.79 43.72 0.56
C MET B 23 -27.75 42.18 0.60
N THR B 24 -27.49 41.51 -0.52
CA THR B 24 -27.25 40.03 -0.50
C THR B 24 -26.17 39.73 0.56
N SER B 25 -26.48 38.85 1.51
CA SER B 25 -25.55 38.40 2.56
C SER B 25 -24.36 37.66 1.92
N HIS B 26 -23.16 38.22 2.08
CA HIS B 26 -21.91 37.67 1.51
C HIS B 26 -20.68 38.15 2.29
N SER B 27 -19.56 37.46 2.07
CA SER B 27 -18.20 37.86 2.51
C SER B 27 -17.20 37.33 1.49
N TRP B 28 -15.94 37.73 1.65
CA TRP B 28 -14.82 37.41 0.73
C TRP B 28 -13.81 36.61 1.55
N LEU B 29 -13.43 35.40 1.10
CA LEU B 29 -12.36 34.59 1.76
C LEU B 29 -11.17 34.46 0.82
N CYS B 30 -10.17 33.64 1.19
CA CYS B 30 -8.91 33.51 0.42
C CYS B 30 -8.40 34.92 0.11
N ASP B 31 -8.32 35.79 1.13
CA ASP B 31 -7.71 37.14 1.01
C ASP B 31 -8.40 37.94 -0.11
N GLY B 32 -9.75 37.94 -0.14
CA GLY B 32 -10.58 38.71 -1.10
C GLY B 32 -10.90 37.99 -2.41
N ARG B 33 -10.33 36.82 -2.70
CA ARG B 33 -10.43 36.16 -4.04
C ARG B 33 -11.56 35.10 -4.12
N LEU B 34 -12.27 34.81 -3.01
CA LEU B 34 -13.39 33.79 -2.98
C LEU B 34 -14.68 34.43 -2.46
N LEU B 35 -15.69 34.55 -3.33
CA LEU B 35 -17.06 34.91 -2.93
C LEU B 35 -17.67 33.78 -2.09
N CYS B 36 -18.22 34.13 -0.94
CA CYS B 36 -18.87 33.20 0.02
C CYS B 36 -20.25 33.74 0.38
N LEU B 37 -21.31 33.23 -0.27
CA LEU B 37 -22.72 33.58 0.03
C LEU B 37 -23.20 32.79 1.25
N HIS B 38 -23.84 33.46 2.21
CA HIS B 38 -24.26 32.88 3.52
C HIS B 38 -25.70 32.34 3.46
N ASP B 39 -26.57 32.88 2.60
CA ASP B 39 -27.99 32.47 2.44
C ASP B 39 -28.16 31.76 1.11
N PRO B 40 -28.59 30.47 1.11
CA PRO B 40 -28.67 29.68 -0.12
C PRO B 40 -29.95 29.84 -0.99
N SER B 41 -31.06 30.31 -0.42
CA SER B 41 -32.35 30.54 -1.14
C SER B 41 -32.56 32.02 -1.54
N ASN B 42 -31.61 32.93 -1.34
CA ASN B 42 -31.79 34.36 -1.75
C ASN B 42 -31.83 34.46 -3.29
N LYS B 43 -32.94 34.98 -3.83
CA LYS B 43 -33.20 35.06 -5.29
C LYS B 43 -32.24 36.06 -5.99
N ASN B 44 -31.54 36.91 -5.23
CA ASN B 44 -30.53 37.87 -5.75
C ASN B 44 -29.09 37.28 -5.74
N ASN B 45 -28.88 35.99 -5.42
CA ASN B 45 -27.52 35.40 -5.31
C ASN B 45 -26.77 35.57 -6.63
N TRP B 46 -27.47 35.50 -7.77
CA TRP B 46 -26.86 35.55 -9.12
C TRP B 46 -26.08 36.87 -9.36
N LYS B 47 -26.46 37.97 -8.74
CA LYS B 47 -25.98 39.35 -9.07
C LYS B 47 -24.46 39.45 -8.89
N ILE B 48 -23.94 39.06 -7.72
CA ILE B 48 -22.46 39.11 -7.43
C ILE B 48 -21.75 37.85 -7.96
N PHE B 49 -22.46 36.73 -8.01
CA PHE B 49 -21.94 35.47 -8.59
C PHE B 49 -21.43 35.66 -10.01
N ARG B 50 -22.22 36.34 -10.88
CA ARG B 50 -21.94 36.48 -12.34
C ARG B 50 -20.49 36.88 -12.65
N GLU B 51 -19.99 38.01 -12.11
CA GLU B 51 -18.61 38.48 -12.45
C GLU B 51 -17.56 37.51 -11.90
N CYS B 52 -17.70 36.96 -10.69
CA CYS B 52 -16.74 35.94 -10.21
C CYS B 52 -16.66 34.75 -11.20
N TRP B 53 -17.81 34.23 -11.64
CA TRP B 53 -17.92 33.04 -12.53
C TRP B 53 -17.36 33.39 -13.91
N LYS B 54 -17.60 34.61 -14.41
CA LYS B 54 -17.04 35.05 -15.72
C LYS B 54 -15.51 35.10 -15.64
N GLN B 55 -14.93 35.50 -14.52
CA GLN B 55 -13.45 35.55 -14.34
C GLN B 55 -12.87 34.15 -14.10
N GLY B 56 -13.67 33.08 -14.03
CA GLY B 56 -13.20 31.69 -13.89
C GLY B 56 -12.88 31.31 -12.44
N GLN B 57 -13.47 31.97 -11.46
CA GLN B 57 -13.24 31.68 -10.02
C GLN B 57 -14.30 30.68 -9.52
N PRO B 58 -13.91 29.78 -8.59
CA PRO B 58 -14.89 29.05 -7.80
C PRO B 58 -15.63 30.02 -6.87
N VAL B 59 -16.78 29.58 -6.39
CA VAL B 59 -17.68 30.30 -5.48
C VAL B 59 -18.20 29.29 -4.45
N LEU B 60 -18.46 29.77 -3.22
CA LEU B 60 -18.96 28.97 -2.06
C LEU B 60 -20.34 29.48 -1.61
N VAL B 61 -21.34 28.60 -1.52
CA VAL B 61 -22.69 28.91 -0.98
C VAL B 61 -22.96 28.01 0.23
N SER B 62 -23.05 28.61 1.42
CA SER B 62 -23.16 27.89 2.72
C SER B 62 -24.63 27.70 3.11
N GLY B 63 -24.88 26.85 4.11
CA GLY B 63 -26.19 26.71 4.78
C GLY B 63 -27.15 25.76 4.07
N VAL B 64 -26.70 25.03 3.04
CA VAL B 64 -27.61 24.10 2.27
C VAL B 64 -28.17 22.97 3.16
N HIS B 65 -27.44 22.53 4.17
CA HIS B 65 -27.85 21.44 5.12
C HIS B 65 -29.14 21.79 5.85
N LYS B 66 -29.35 23.07 6.18
CA LYS B 66 -30.57 23.52 6.91
C LYS B 66 -31.77 23.55 5.94
N LYS B 67 -31.57 23.35 4.64
CA LYS B 67 -32.69 23.17 3.68
C LYS B 67 -33.05 21.69 3.43
N LEU B 68 -32.22 20.75 3.86
CA LEU B 68 -32.42 19.30 3.56
C LEU B 68 -33.14 18.63 4.75
N LYS B 69 -33.65 17.41 4.54
CA LYS B 69 -34.12 16.48 5.60
C LYS B 69 -32.94 15.66 6.13
N SER B 70 -32.40 16.05 7.28
CA SER B 70 -31.10 15.54 7.81
C SER B 70 -31.14 14.02 8.06
N GLU B 71 -32.31 13.43 8.35
CA GLU B 71 -32.47 11.97 8.61
C GLU B 71 -32.22 11.18 7.31
N LEU B 72 -32.34 11.80 6.12
CA LEU B 72 -32.10 11.11 4.82
C LEU B 72 -30.59 10.98 4.54
N TRP B 73 -29.72 11.73 5.24
CA TRP B 73 -28.30 11.86 4.86
C TRP B 73 -27.36 11.27 5.93
N LYS B 74 -27.84 10.30 6.71
CA LYS B 74 -27.08 9.72 7.84
C LYS B 74 -26.45 8.40 7.43
N PRO B 75 -25.18 8.13 7.80
CA PRO B 75 -24.55 6.85 7.48
C PRO B 75 -25.35 5.61 7.91
N GLU B 76 -25.97 5.64 9.11
CA GLU B 76 -26.79 4.52 9.66
C GLU B 76 -27.96 4.20 8.72
N ALA B 77 -28.59 5.20 8.11
CA ALA B 77 -29.74 4.97 7.21
C ALA B 77 -29.28 4.35 5.88
N PHE B 78 -28.15 4.77 5.31
CA PHE B 78 -27.61 4.12 4.07
C PHE B 78 -27.32 2.64 4.37
N SER B 79 -26.75 2.34 5.53
CA SER B 79 -26.42 0.94 5.94
C SER B 79 -27.69 0.10 6.11
N GLN B 80 -28.70 0.59 6.85
CA GLN B 80 -29.97 -0.16 7.08
C GLN B 80 -30.73 -0.34 5.76
N GLU B 81 -30.70 0.64 4.87
CA GLU B 81 -31.52 0.58 3.64
C GLU B 81 -30.83 -0.22 2.54
N PHE B 82 -29.49 -0.14 2.40
CA PHE B 82 -28.80 -0.66 1.18
C PHE B 82 -27.63 -1.59 1.56
N GLY B 83 -27.52 -1.95 2.84
CA GLY B 83 -26.30 -2.57 3.40
C GLY B 83 -25.95 -3.95 2.83
N ASP B 84 -26.90 -4.67 2.21
CA ASP B 84 -26.63 -6.04 1.69
C ASP B 84 -26.23 -5.99 0.20
N GLN B 85 -26.05 -4.81 -0.40
CA GLN B 85 -25.56 -4.73 -1.79
C GLN B 85 -24.03 -5.04 -1.83
N ASP B 86 -23.55 -5.55 -2.95
CA ASP B 86 -22.12 -5.86 -3.16
C ASP B 86 -21.48 -4.67 -3.84
N VAL B 87 -20.24 -4.36 -3.48
CA VAL B 87 -19.60 -3.11 -3.96
C VAL B 87 -18.08 -3.25 -3.95
N ASP B 88 -17.38 -2.38 -4.68
CA ASP B 88 -15.90 -2.26 -4.58
C ASP B 88 -15.55 -1.03 -3.75
N LEU B 89 -14.46 -1.12 -3.00
CA LEU B 89 -13.86 0.01 -2.23
C LEU B 89 -12.47 0.28 -2.82
N VAL B 90 -11.93 1.49 -2.59
CA VAL B 90 -10.54 1.88 -2.92
C VAL B 90 -9.83 2.25 -1.62
N ASN B 91 -8.64 1.69 -1.44
CA ASN B 91 -7.71 2.07 -0.36
C ASN B 91 -7.02 3.37 -0.78
N CYS B 92 -7.30 4.50 -0.12
CA CYS B 92 -6.84 5.86 -0.53
C CYS B 92 -5.31 5.95 -0.45
N ARG B 93 -4.67 5.19 0.46
CA ARG B 93 -3.20 5.23 0.67
C ARG B 93 -2.42 4.61 -0.51
N ASN B 94 -2.92 3.55 -1.16
CA ASN B 94 -2.16 2.81 -2.20
C ASN B 94 -2.96 2.61 -3.49
N CYS B 95 -4.19 3.13 -3.60
CA CYS B 95 -5.09 3.00 -4.79
C CYS B 95 -5.52 1.53 -5.04
N ALA B 96 -5.30 0.57 -4.13
CA ALA B 96 -5.73 -0.84 -4.37
C ALA B 96 -7.26 -0.96 -4.30
N ILE B 97 -7.85 -1.80 -5.15
CA ILE B 97 -9.31 -2.11 -5.16
C ILE B 97 -9.58 -3.30 -4.24
N ILE B 98 -10.48 -3.11 -3.27
CA ILE B 98 -11.04 -4.18 -2.42
C ILE B 98 -12.38 -4.57 -3.07
N SER B 99 -12.41 -5.68 -3.83
CA SER B 99 -13.57 -6.01 -4.70
C SER B 99 -14.59 -6.90 -3.98
N ASP B 100 -15.86 -6.59 -4.25
CA ASP B 100 -17.01 -7.44 -3.94
C ASP B 100 -17.14 -7.65 -2.42
N VAL B 101 -17.18 -6.57 -1.65
CA VAL B 101 -17.60 -6.62 -0.23
C VAL B 101 -19.02 -6.03 -0.10
N LYS B 102 -19.57 -6.01 1.12
CA LYS B 102 -20.92 -5.50 1.43
C LYS B 102 -20.84 -3.99 1.72
N VAL B 103 -21.78 -3.22 1.18
CA VAL B 103 -21.98 -1.77 1.46
C VAL B 103 -21.98 -1.55 2.98
N ARG B 104 -22.60 -2.44 3.77
CA ARG B 104 -22.63 -2.27 5.25
C ARG B 104 -21.23 -2.32 5.86
N ASP B 105 -20.26 -3.00 5.24
CA ASP B 105 -18.86 -3.05 5.80
C ASP B 105 -18.17 -1.68 5.60
N PHE B 106 -18.50 -0.91 4.58
CA PHE B 106 -18.05 0.51 4.45
C PHE B 106 -18.72 1.35 5.55
N TRP B 107 -20.06 1.39 5.59
CA TRP B 107 -20.83 2.35 6.44
C TRP B 107 -20.58 2.06 7.94
N ASP B 108 -20.40 0.81 8.36
CA ASP B 108 -20.34 0.50 9.82
C ASP B 108 -19.00 0.95 10.40
N GLY B 109 -17.99 1.21 9.54
CA GLY B 109 -16.68 1.79 9.91
C GLY B 109 -16.56 3.32 9.71
N PHE B 110 -17.62 3.96 9.24
CA PHE B 110 -17.55 5.39 8.83
C PHE B 110 -17.01 6.29 9.96
N GLU B 111 -17.48 6.06 11.19
CA GLU B 111 -17.10 6.86 12.37
C GLU B 111 -16.54 6.00 13.50
N ILE B 112 -16.56 4.67 13.40
CA ILE B 112 -15.95 3.72 14.39
C ILE B 112 -14.71 3.07 13.75
N ILE B 113 -13.53 3.52 14.11
CA ILE B 113 -12.25 3.14 13.44
C ILE B 113 -11.95 1.64 13.66
N CYS B 114 -12.29 1.08 14.83
CA CYS B 114 -11.93 -0.33 15.18
C CYS B 114 -12.79 -1.27 14.32
N LYS B 115 -13.86 -0.78 13.69
CA LYS B 115 -14.77 -1.61 12.84
C LYS B 115 -14.28 -1.64 11.38
N ARG B 116 -13.23 -0.92 11.01
CA ARG B 116 -12.83 -0.78 9.59
C ARG B 116 -12.11 -2.04 9.08
N LEU B 117 -12.24 -2.37 7.79
CA LEU B 117 -11.33 -3.34 7.13
C LEU B 117 -9.86 -2.90 7.26
N ARG B 118 -8.95 -3.83 7.53
CA ARG B 118 -7.50 -3.58 7.71
C ARG B 118 -6.69 -4.00 6.50
N SER B 119 -5.51 -3.38 6.35
CA SER B 119 -4.49 -3.71 5.33
C SER B 119 -3.54 -4.79 5.91
N GLU B 120 -2.59 -5.25 5.12
CA GLU B 120 -1.52 -6.25 5.43
C GLU B 120 -0.85 -5.91 6.78
N ASP B 121 -0.66 -4.62 7.09
CA ASP B 121 0.13 -4.15 8.26
C ASP B 121 -0.70 -4.18 9.53
N GLY B 122 -1.95 -4.65 9.49
CA GLY B 122 -2.88 -4.60 10.63
C GLY B 122 -3.51 -3.23 10.88
N GLN B 123 -3.23 -2.19 10.08
CA GLN B 123 -3.86 -0.85 10.30
C GLN B 123 -5.26 -0.80 9.68
N PRO B 124 -6.18 -0.07 10.33
CA PRO B 124 -7.47 0.28 9.73
C PRO B 124 -7.23 1.10 8.45
N MET B 125 -7.96 0.76 7.38
CA MET B 125 -7.80 1.44 6.07
C MET B 125 -8.61 2.76 6.04
N VAL B 126 -8.09 3.70 5.29
CA VAL B 126 -8.87 4.87 4.77
C VAL B 126 -9.44 4.47 3.42
N LEU B 127 -10.76 4.30 3.37
CA LEU B 127 -11.48 3.75 2.23
C LEU B 127 -12.41 4.79 1.59
N LYS B 128 -12.58 4.66 0.29
CA LYS B 128 -13.68 5.34 -0.45
C LYS B 128 -14.54 4.30 -1.16
N LEU B 129 -15.83 4.55 -1.15
CA LEU B 129 -16.83 3.70 -1.81
C LEU B 129 -16.77 4.05 -3.30
N LYS B 130 -16.50 3.07 -4.16
CA LYS B 130 -16.34 3.29 -5.62
C LYS B 130 -17.70 3.15 -6.32
N ASP B 131 -18.06 4.15 -7.11
CA ASP B 131 -19.15 4.06 -8.10
C ASP B 131 -20.47 3.63 -7.44
N TRP B 132 -20.94 4.36 -6.44
CA TRP B 132 -22.17 4.00 -5.71
C TRP B 132 -22.99 5.25 -5.38
N PRO B 133 -24.31 5.24 -5.64
CA PRO B 133 -24.98 4.25 -6.49
C PRO B 133 -24.31 4.15 -7.86
N PRO B 134 -24.32 2.97 -8.49
CA PRO B 134 -23.58 2.76 -9.73
C PRO B 134 -24.19 3.49 -10.93
N GLY B 135 -23.31 3.99 -11.80
CA GLY B 135 -23.69 4.61 -13.07
C GLY B 135 -24.63 5.77 -12.81
N GLU B 136 -25.85 5.67 -13.33
CA GLU B 136 -26.90 6.72 -13.23
C GLU B 136 -28.06 6.19 -12.37
N ASP B 137 -27.80 5.19 -11.53
CA ASP B 137 -28.86 4.56 -10.70
C ASP B 137 -29.33 5.48 -9.56
N PHE B 138 -28.68 6.62 -9.31
CA PHE B 138 -28.96 7.47 -8.12
C PHE B 138 -30.46 7.78 -8.05
N ARG B 139 -31.06 8.28 -9.13
CA ARG B 139 -32.50 8.63 -9.13
C ARG B 139 -33.36 7.39 -8.85
N ASP B 140 -33.08 6.25 -9.49
CA ASP B 140 -33.91 5.03 -9.37
C ASP B 140 -33.71 4.40 -8.00
N MET B 141 -32.47 4.32 -7.48
CA MET B 141 -32.20 3.65 -6.18
C MET B 141 -32.67 4.53 -5.01
N MET B 142 -32.56 5.85 -5.11
CA MET B 142 -32.72 6.76 -3.95
C MET B 142 -33.65 7.91 -4.35
N PRO B 143 -34.92 7.66 -4.76
CA PRO B 143 -35.77 8.72 -5.28
C PRO B 143 -36.06 9.87 -4.29
N THR B 144 -36.20 9.60 -2.99
CA THR B 144 -36.50 10.65 -1.97
C THR B 144 -35.25 11.54 -1.74
N ARG B 145 -34.04 10.96 -1.69
CA ARG B 145 -32.75 11.72 -1.63
C ARG B 145 -32.57 12.59 -2.88
N PHE B 146 -32.82 12.04 -4.07
CA PHE B 146 -32.79 12.79 -5.34
C PHE B 146 -33.69 14.04 -5.23
N GLU B 147 -34.94 13.88 -4.81
CA GLU B 147 -35.92 15.01 -4.71
C GLU B 147 -35.41 16.02 -3.68
N ASP B 148 -34.92 15.56 -2.52
CA ASP B 148 -34.45 16.42 -1.41
C ASP B 148 -33.28 17.30 -1.91
N LEU B 149 -32.29 16.70 -2.55
CA LEU B 149 -31.13 17.48 -3.07
C LEU B 149 -31.56 18.41 -4.23
N MET B 150 -32.24 17.91 -5.25
CA MET B 150 -32.46 18.68 -6.51
C MET B 150 -33.34 19.88 -6.22
N GLU B 151 -34.34 19.75 -5.31
CA GLU B 151 -35.27 20.86 -4.98
C GLU B 151 -34.51 21.96 -4.24
N ASN B 152 -33.34 21.67 -3.63
CA ASN B 152 -32.72 22.62 -2.68
C ASN B 152 -31.31 23.09 -3.14
N LEU B 153 -30.93 22.81 -4.39
CA LEU B 153 -29.63 23.25 -4.97
C LEU B 153 -29.61 24.77 -5.08
N PRO B 154 -28.52 25.43 -4.64
CA PRO B 154 -28.38 26.87 -4.79
C PRO B 154 -28.12 27.25 -6.25
N LEU B 155 -28.30 28.54 -6.55
CA LEU B 155 -28.28 29.11 -7.92
C LEU B 155 -29.06 28.23 -8.89
N PRO B 156 -30.36 28.01 -8.59
CA PRO B 156 -31.16 27.02 -9.33
C PRO B 156 -31.32 27.30 -10.83
N GLU B 157 -31.25 28.57 -11.26
CA GLU B 157 -31.38 28.96 -12.70
C GLU B 157 -30.19 28.35 -13.44
N TYR B 158 -29.08 28.12 -12.72
CA TYR B 158 -27.82 27.57 -13.26
C TYR B 158 -27.77 26.04 -13.11
N THR B 159 -28.22 25.53 -11.98
CA THR B 159 -27.90 24.13 -11.53
C THR B 159 -29.01 23.12 -11.78
N LYS B 160 -30.28 23.51 -11.81
CA LYS B 160 -31.41 22.55 -12.08
C LYS B 160 -31.55 22.26 -13.59
N ARG B 161 -32.06 21.08 -13.96
N ARG B 161 -32.08 21.08 -13.94
CA ARG B 161 -32.14 20.63 -15.38
CA ARG B 161 -32.17 20.59 -15.34
C ARG B 161 -32.94 21.65 -16.20
C ARG B 161 -32.96 21.60 -16.20
N ASP B 162 -34.07 22.13 -15.68
CA ASP B 162 -34.94 23.10 -16.41
C ASP B 162 -34.61 24.53 -16.00
N GLY B 163 -33.45 24.79 -15.38
CA GLY B 163 -32.94 26.16 -15.08
C GLY B 163 -32.87 27.03 -16.34
N ARG B 164 -33.24 28.29 -16.21
CA ARG B 164 -33.26 29.27 -17.34
C ARG B 164 -31.87 29.34 -17.98
N LEU B 165 -30.81 29.27 -17.17
CA LEU B 165 -29.43 29.45 -17.70
C LEU B 165 -28.62 28.15 -17.65
N ASN B 166 -29.23 26.98 -17.45
CA ASN B 166 -28.56 25.67 -17.65
C ASN B 166 -28.78 25.25 -19.12
N LEU B 167 -27.69 25.09 -19.87
CA LEU B 167 -27.75 24.72 -21.32
C LEU B 167 -27.62 23.20 -21.53
N ALA B 168 -27.38 22.42 -20.49
CA ALA B 168 -27.01 20.97 -20.65
C ALA B 168 -28.10 20.21 -21.43
N SER B 169 -29.39 20.41 -21.14
CA SER B 169 -30.45 19.62 -21.81
C SER B 169 -30.66 20.06 -23.25
N ARG B 170 -30.18 21.24 -23.66
CA ARG B 170 -30.45 21.77 -25.02
C ARG B 170 -29.28 21.55 -25.97
N LEU B 171 -28.04 21.38 -25.50
CA LEU B 171 -26.86 21.35 -26.41
C LEU B 171 -26.57 19.94 -26.94
N PRO B 172 -26.03 19.86 -28.18
CA PRO B 172 -25.52 18.60 -28.74
C PRO B 172 -24.33 17.99 -27.97
N SER B 173 -24.04 16.72 -28.27
CA SER B 173 -23.04 15.89 -27.56
C SER B 173 -21.63 16.46 -27.68
N TYR B 174 -21.35 17.34 -28.65
CA TYR B 174 -19.99 17.91 -28.81
C TYR B 174 -19.76 19.04 -27.80
N PHE B 175 -20.78 19.38 -26.97
CA PHE B 175 -20.63 20.32 -25.81
C PHE B 175 -20.73 19.57 -24.49
N VAL B 176 -21.55 18.52 -24.42
CA VAL B 176 -21.96 17.94 -23.10
C VAL B 176 -22.49 16.52 -23.26
N ARG B 177 -22.19 15.67 -22.29
CA ARG B 177 -22.73 14.30 -22.22
C ARG B 177 -24.24 14.39 -21.94
N PRO B 178 -25.07 13.51 -22.54
CA PRO B 178 -26.53 13.60 -22.36
C PRO B 178 -26.99 13.07 -20.98
N ASP B 179 -28.13 13.60 -20.52
CA ASP B 179 -28.90 13.09 -19.34
C ASP B 179 -28.04 13.13 -18.07
N LEU B 180 -27.63 14.33 -17.61
CA LEU B 180 -26.77 14.52 -16.42
C LEU B 180 -27.65 14.18 -15.21
N GLY B 181 -27.09 13.45 -14.23
CA GLY B 181 -27.72 13.19 -12.93
C GLY B 181 -26.70 13.31 -11.83
N PRO B 182 -27.13 13.39 -10.56
CA PRO B 182 -26.21 13.57 -9.44
C PRO B 182 -25.38 12.32 -9.13
N LYS B 183 -24.19 12.57 -8.57
CA LYS B 183 -23.21 11.53 -8.18
C LYS B 183 -22.87 11.75 -6.70
N MET B 184 -22.78 10.68 -5.96
CA MET B 184 -22.50 10.65 -4.49
C MET B 184 -21.03 10.29 -4.31
N TYR B 185 -20.29 10.99 -3.44
CA TYR B 185 -18.87 10.72 -3.08
C TYR B 185 -18.75 10.46 -1.58
N ASN B 186 -18.39 9.23 -1.21
CA ASN B 186 -18.42 8.67 0.15
C ASN B 186 -17.03 8.14 0.49
N ALA B 187 -16.34 8.72 1.47
CA ALA B 187 -14.97 8.29 1.84
C ALA B 187 -14.65 8.69 3.28
N TYR B 188 -13.78 7.90 3.91
CA TYR B 188 -13.28 8.14 5.28
C TYR B 188 -12.38 9.39 5.27
N GLY B 189 -12.15 9.96 6.45
CA GLY B 189 -11.13 11.01 6.69
C GLY B 189 -9.71 10.47 6.69
N LEU B 190 -8.77 11.17 6.06
CA LEU B 190 -7.32 10.90 6.22
C LEU B 190 -6.85 11.29 7.65
N ILE B 191 -5.86 10.58 8.21
CA ILE B 191 -5.63 10.43 9.70
C ILE B 191 -4.20 10.82 10.11
N THR B 192 -3.17 10.27 9.46
CA THR B 192 -1.75 10.33 9.92
C THR B 192 -0.98 11.49 9.29
N ALA B 193 0.22 11.76 9.81
CA ALA B 193 1.18 12.73 9.24
C ALA B 193 1.54 12.33 7.81
N GLU B 194 1.76 11.04 7.55
CA GLU B 194 2.06 10.56 6.18
C GLU B 194 0.83 10.74 5.27
N ASP B 195 -0.40 10.69 5.82
CA ASP B 195 -1.66 10.92 5.07
C ASP B 195 -1.79 12.37 4.57
N ARG B 196 -1.07 13.35 5.14
CA ARG B 196 -1.16 14.77 4.68
C ARG B 196 -0.85 14.89 3.18
N ARG B 197 -0.01 14.02 2.62
CA ARG B 197 0.45 14.04 1.21
C ARG B 197 -0.45 13.19 0.29
N VAL B 198 -1.56 12.65 0.79
CA VAL B 198 -2.47 11.74 0.04
C VAL B 198 -3.76 12.53 -0.29
N GLY B 199 -4.34 12.31 -1.47
CA GLY B 199 -5.67 12.83 -1.83
C GLY B 199 -6.78 11.82 -1.58
N THR B 200 -7.97 12.26 -1.18
CA THR B 200 -9.22 11.49 -1.32
C THR B 200 -9.54 11.40 -2.83
N THR B 201 -9.51 12.53 -3.54
CA THR B 201 -9.62 12.59 -5.02
C THR B 201 -8.37 13.29 -5.56
N ASN B 202 -7.59 12.63 -6.42
CA ASN B 202 -6.35 13.21 -6.99
C ASN B 202 -6.67 14.35 -7.95
N LEU B 203 -5.68 15.20 -8.21
CA LEU B 203 -5.75 16.37 -9.11
C LEU B 203 -6.31 15.93 -10.47
N HIS B 204 -7.42 16.53 -10.90
CA HIS B 204 -8.03 16.23 -12.22
C HIS B 204 -8.80 17.47 -12.72
N LEU B 205 -9.38 17.41 -13.93
CA LEU B 205 -10.41 18.42 -14.33
C LEU B 205 -11.66 17.70 -14.83
N ASP B 206 -12.78 18.43 -14.88
CA ASP B 206 -14.08 17.94 -15.43
C ASP B 206 -14.43 18.75 -16.65
N VAL B 207 -15.10 18.12 -17.63
CA VAL B 207 -15.38 18.77 -18.95
C VAL B 207 -16.63 19.67 -18.83
N SER B 208 -17.39 19.63 -17.73
CA SER B 208 -18.57 20.51 -17.52
C SER B 208 -18.38 21.34 -16.25
N ASP B 209 -19.23 22.34 -16.05
CA ASP B 209 -19.39 23.01 -14.74
C ASP B 209 -19.95 21.99 -13.73
N ALA B 210 -19.74 22.21 -12.42
CA ALA B 210 -20.27 21.36 -11.34
C ALA B 210 -20.48 22.17 -10.06
N VAL B 211 -21.40 21.69 -9.24
CA VAL B 211 -21.63 22.10 -7.84
C VAL B 211 -21.49 20.85 -6.97
N ASN B 212 -20.71 20.93 -5.90
CA ASN B 212 -20.46 19.82 -4.93
C ASN B 212 -20.96 20.24 -3.54
N VAL B 213 -21.94 19.52 -3.00
CA VAL B 213 -22.61 19.83 -1.69
C VAL B 213 -22.14 18.84 -0.61
N MET B 214 -21.67 19.37 0.51
CA MET B 214 -21.33 18.54 1.70
C MET B 214 -22.62 18.28 2.50
N VAL B 215 -23.15 17.05 2.50
CA VAL B 215 -24.46 16.74 3.16
C VAL B 215 -24.27 16.07 4.52
N TYR B 216 -23.09 15.55 4.84
CA TYR B 216 -22.85 14.93 6.17
C TYR B 216 -21.36 14.90 6.46
N VAL B 217 -21.00 15.18 7.71
CA VAL B 217 -19.62 15.04 8.25
C VAL B 217 -19.69 14.23 9.55
N GLY B 218 -18.78 13.28 9.71
CA GLY B 218 -18.65 12.43 10.92
C GLY B 218 -17.49 12.90 11.78
N ILE B 219 -17.78 13.57 12.90
CA ILE B 219 -16.76 14.19 13.80
C ILE B 219 -16.86 13.54 15.18
N PRO B 220 -16.01 12.51 15.46
CA PRO B 220 -16.01 11.85 16.76
C PRO B 220 -15.58 12.75 17.92
N ILE B 221 -15.50 12.19 19.13
CA ILE B 221 -15.43 12.93 20.43
C ILE B 221 -14.18 12.48 21.20
N ALA B 225 -10.54 12.84 20.25
CA ALA B 225 -10.23 14.03 19.42
C ALA B 225 -8.76 14.03 19.01
N HIS B 226 -8.47 13.62 17.76
CA HIS B 226 -7.16 13.82 17.07
C HIS B 226 -7.32 15.02 16.12
N ASP B 227 -8.05 16.04 16.58
CA ASP B 227 -8.09 17.43 16.05
C ASP B 227 -6.67 17.92 15.70
N GLU B 228 -5.64 17.32 16.31
CA GLU B 228 -4.23 17.78 16.26
C GLU B 228 -3.73 17.86 14.81
N GLU B 229 -3.64 16.71 14.15
CA GLU B 229 -3.14 16.55 12.75
C GLU B 229 -4.06 17.34 11.79
N VAL B 230 -5.36 17.39 12.08
CA VAL B 230 -6.36 18.14 11.25
C VAL B 230 -5.97 19.64 11.22
N LEU B 231 -5.73 20.27 12.38
CA LEU B 231 -5.36 21.72 12.44
C LEU B 231 -4.00 21.98 11.76
N LYS B 232 -3.06 21.04 11.85
CA LYS B 232 -1.76 21.16 11.14
C LYS B 232 -1.99 20.97 9.64
N THR B 233 -2.93 20.11 9.21
CA THR B 233 -3.21 19.87 7.77
C THR B 233 -3.83 21.13 7.15
N ILE B 234 -4.71 21.79 7.91
CA ILE B 234 -5.40 23.07 7.52
C ILE B 234 -4.35 24.15 7.30
N ASP B 235 -3.32 24.22 8.15
CA ASP B 235 -2.33 25.33 8.16
C ASP B 235 -1.33 25.16 7.01
N GLU B 236 -0.64 24.04 6.98
CA GLU B 236 0.23 23.59 5.85
C GLU B 236 -0.55 23.68 4.52
N GLY B 237 -1.87 23.41 4.55
CA GLY B 237 -2.77 23.46 3.38
C GLY B 237 -2.94 24.88 2.85
N ASP B 238 -2.62 25.90 3.66
CA ASP B 238 -2.56 27.34 3.27
C ASP B 238 -3.96 27.95 3.35
N ALA B 239 -4.84 27.45 4.22
CA ALA B 239 -6.15 28.08 4.52
C ALA B 239 -5.93 29.47 5.15
N ASP B 240 -6.87 30.40 4.92
CA ASP B 240 -6.76 31.83 5.33
C ASP B 240 -7.11 31.96 6.81
N GLU B 241 -6.82 33.11 7.43
CA GLU B 241 -6.92 33.23 8.92
C GLU B 241 -8.39 33.18 9.33
N VAL B 242 -9.30 33.71 8.51
CA VAL B 242 -10.75 33.67 8.82
C VAL B 242 -11.22 32.20 8.84
N THR B 243 -10.72 31.36 7.94
CA THR B 243 -11.06 29.90 7.88
C THR B 243 -10.60 29.24 9.19
N LYS B 244 -9.37 29.54 9.63
CA LYS B 244 -8.85 29.12 10.97
C LYS B 244 -9.76 29.69 12.07
N GLU B 245 -10.43 30.83 11.83
CA GLU B 245 -11.42 31.43 12.76
C GLU B 245 -12.73 30.63 12.73
N ARG B 246 -13.07 30.03 11.59
CA ARG B 246 -14.33 29.23 11.39
C ARG B 246 -14.14 27.83 11.99
N ILE B 247 -12.91 27.29 12.02
CA ILE B 247 -12.63 25.90 12.51
C ILE B 247 -12.38 25.94 14.03
N HIS B 248 -11.61 26.93 14.53
CA HIS B 248 -11.29 27.10 15.97
C HIS B 248 -12.34 28.01 16.62
N ASP B 249 -13.61 27.78 16.28
CA ASP B 249 -14.82 28.39 16.90
C ASP B 249 -15.70 27.25 17.43
N HIS B 250 -15.71 26.10 16.75
CA HIS B 250 -16.37 24.83 17.16
C HIS B 250 -17.89 25.03 17.19
N LYS B 251 -18.45 25.57 16.10
CA LYS B 251 -19.93 25.66 15.86
C LYS B 251 -20.29 24.83 14.62
N GLU B 252 -19.46 24.87 13.57
CA GLU B 252 -19.66 24.12 12.30
C GLU B 252 -18.61 23.01 12.19
N LYS B 253 -18.98 21.92 11.51
CA LYS B 253 -18.14 20.71 11.29
C LYS B 253 -17.40 20.85 9.98
N PRO B 254 -16.03 20.92 9.99
CA PRO B 254 -15.24 20.93 8.76
C PRO B 254 -15.17 19.53 8.12
N GLY B 255 -15.20 19.45 6.78
CA GLY B 255 -15.24 18.15 6.08
C GLY B 255 -14.00 17.90 5.23
N ALA B 256 -13.66 18.81 4.30
CA ALA B 256 -12.63 18.50 3.30
C ALA B 256 -11.84 19.74 2.90
N LEU B 257 -10.57 19.52 2.60
CA LEU B 257 -9.64 20.55 2.10
C LEU B 257 -9.51 20.37 0.58
N TRP B 258 -9.90 21.41 -0.14
CA TRP B 258 -9.79 21.50 -1.62
C TRP B 258 -8.62 22.39 -1.99
N HIS B 259 -7.92 22.11 -3.07
CA HIS B 259 -7.13 23.10 -3.83
C HIS B 259 -7.68 23.17 -5.25
N ILE B 260 -8.11 24.35 -5.68
CA ILE B 260 -8.67 24.59 -7.04
C ILE B 260 -7.77 25.58 -7.78
N TYR B 261 -7.50 25.33 -9.06
CA TYR B 261 -6.72 26.22 -9.97
C TYR B 261 -7.62 26.69 -11.12
N ALA B 262 -7.33 27.88 -11.65
CA ALA B 262 -7.98 28.45 -12.87
C ALA B 262 -7.78 27.55 -14.10
N ALA B 263 -8.83 27.37 -14.89
CA ALA B 263 -8.78 26.65 -16.19
C ALA B 263 -7.58 27.14 -17.02
N LYS B 264 -7.28 28.45 -17.01
CA LYS B 264 -6.19 28.99 -17.87
C LYS B 264 -4.79 28.56 -17.37
N ASP B 265 -4.65 28.02 -16.16
CA ASP B 265 -3.34 27.59 -15.60
C ASP B 265 -3.13 26.08 -15.75
N ALA B 266 -4.01 25.35 -16.47
CA ALA B 266 -3.92 23.87 -16.55
C ALA B 266 -2.58 23.49 -17.20
N GLU B 267 -2.17 24.18 -18.26
CA GLU B 267 -1.01 23.75 -19.10
C GLU B 267 0.28 24.00 -18.32
N LYS B 268 0.34 25.04 -17.50
CA LYS B 268 1.52 25.33 -16.62
C LYS B 268 1.62 24.23 -15.57
N ILE B 269 0.48 23.71 -15.07
CA ILE B 269 0.46 22.61 -14.08
C ILE B 269 0.99 21.35 -14.78
N ARG B 270 0.62 21.14 -16.05
CA ARG B 270 1.08 19.98 -16.85
C ARG B 270 2.62 20.03 -17.03
N GLU B 271 3.17 21.20 -17.38
CA GLU B 271 4.63 21.41 -17.52
C GLU B 271 5.33 20.95 -16.23
N LEU B 272 4.92 21.48 -15.05
CA LEU B 272 5.56 21.15 -13.75
C LEU B 272 5.57 19.63 -13.55
N LEU B 273 4.42 18.97 -13.70
CA LEU B 273 4.28 17.52 -13.38
C LEU B 273 4.94 16.63 -14.44
N ARG B 274 5.14 17.12 -15.68
CA ARG B 274 6.02 16.40 -16.65
C ARG B 274 7.45 16.40 -16.08
N LYS B 275 7.95 17.56 -15.68
CA LYS B 275 9.32 17.73 -15.13
C LYS B 275 9.48 16.77 -13.93
N VAL B 276 8.65 16.94 -12.90
CA VAL B 276 8.77 16.19 -11.61
C VAL B 276 8.71 14.69 -11.88
N GLY B 277 7.79 14.24 -12.73
CA GLY B 277 7.68 12.82 -13.12
C GLY B 277 8.97 12.34 -13.72
N GLU B 278 9.63 13.19 -14.52
CA GLU B 278 10.93 12.88 -15.19
C GLU B 278 11.99 12.73 -14.09
N GLU B 279 12.02 13.69 -13.15
CA GLU B 279 12.95 13.70 -11.97
C GLU B 279 12.72 12.46 -11.09
N GLN B 280 11.54 11.85 -11.14
CA GLN B 280 11.19 10.71 -10.25
C GLN B 280 11.35 9.37 -10.97
N GLY B 281 11.83 9.35 -12.21
CA GLY B 281 12.07 8.10 -12.96
C GLY B 281 11.20 7.99 -14.19
N GLN B 282 9.89 8.25 -14.05
CA GLN B 282 8.85 8.02 -15.10
C GLN B 282 9.44 8.29 -16.50
N GLU B 283 9.18 7.39 -17.45
CA GLU B 283 9.47 7.60 -18.89
C GLU B 283 8.13 7.84 -19.61
N ASN B 284 7.81 9.11 -19.90
CA ASN B 284 6.53 9.56 -20.52
C ASN B 284 6.88 10.39 -21.76
N PRO B 285 6.07 10.33 -22.85
CA PRO B 285 6.29 11.23 -23.99
C PRO B 285 6.08 12.70 -23.63
N PRO B 286 6.50 13.66 -24.48
CA PRO B 286 6.29 15.08 -24.21
C PRO B 286 4.82 15.51 -24.35
N ASP B 287 3.99 14.65 -24.97
CA ASP B 287 2.50 14.78 -25.15
C ASP B 287 1.76 14.53 -23.83
N HIS B 288 2.38 13.75 -22.95
CA HIS B 288 1.72 13.09 -21.80
C HIS B 288 0.99 14.11 -20.92
N ASP B 289 -0.20 13.74 -20.43
CA ASP B 289 -1.11 14.68 -19.71
C ASP B 289 -1.28 14.18 -18.28
N PRO B 290 -0.49 14.70 -17.32
CA PRO B 290 -0.59 14.25 -15.94
C PRO B 290 -1.89 14.61 -15.18
N ILE B 291 -2.64 15.61 -15.66
CA ILE B 291 -3.99 15.95 -15.13
C ILE B 291 -4.96 14.85 -15.61
N HIS B 292 -4.93 14.51 -16.90
CA HIS B 292 -5.75 13.40 -17.46
C HIS B 292 -5.44 12.10 -16.70
N ASP B 293 -4.18 11.87 -16.29
CA ASP B 293 -3.79 10.62 -15.59
C ASP B 293 -4.44 10.47 -14.22
N GLN B 294 -4.82 11.58 -13.55
CA GLN B 294 -5.46 11.56 -12.20
C GLN B 294 -4.54 10.83 -11.19
N SER B 295 -3.22 10.94 -11.35
CA SER B 295 -2.21 10.18 -10.56
C SER B 295 -1.46 11.06 -9.56
N TRP B 296 -1.72 12.37 -9.48
CA TRP B 296 -0.95 13.32 -8.63
C TRP B 296 -1.80 13.95 -7.52
N TYR B 297 -1.24 14.12 -6.32
CA TYR B 297 -1.80 15.05 -5.33
C TYR B 297 -0.72 16.09 -5.02
N LEU B 298 -1.02 17.39 -5.17
CA LEU B 298 -0.03 18.47 -4.93
C LEU B 298 0.07 18.71 -3.41
N ASP B 299 1.15 18.18 -2.82
CA ASP B 299 1.55 18.32 -1.40
C ASP B 299 2.13 19.72 -1.23
N GLN B 300 2.53 20.09 -0.01
CA GLN B 300 3.02 21.47 0.24
C GLN B 300 4.22 21.78 -0.66
N THR B 301 5.11 20.81 -0.87
CA THR B 301 6.37 21.05 -1.64
C THR B 301 5.97 21.38 -3.09
N LEU B 302 5.06 20.58 -3.65
CA LEU B 302 4.69 20.74 -5.08
C LEU B 302 3.94 22.06 -5.27
N ARG B 303 3.03 22.44 -4.35
CA ARG B 303 2.26 23.72 -4.42
C ARG B 303 3.22 24.92 -4.36
N LYS B 304 4.23 24.88 -3.49
CA LYS B 304 5.17 26.02 -3.31
C LYS B 304 5.96 26.20 -4.59
N ARG B 305 6.46 25.10 -5.13
CA ARG B 305 7.24 25.04 -6.38
C ARG B 305 6.39 25.49 -7.59
N LEU B 306 5.08 25.19 -7.58
CA LEU B 306 4.16 25.62 -8.67
C LEU B 306 4.06 27.15 -8.66
N TYR B 307 3.91 27.76 -7.49
CA TYR B 307 3.86 29.23 -7.33
C TYR B 307 5.18 29.87 -7.77
N GLU B 308 6.28 29.41 -7.14
N GLU B 308 6.29 29.41 -7.19
CA GLU B 308 7.67 29.89 -7.34
CA GLU B 308 7.64 30.02 -7.38
C GLU B 308 8.03 29.85 -8.83
C GLU B 308 8.07 29.85 -8.84
N GLU B 309 8.06 28.63 -9.39
CA GLU B 309 8.53 28.40 -10.78
C GLU B 309 7.58 28.97 -11.83
N TYR B 310 6.24 28.97 -11.63
CA TYR B 310 5.27 29.22 -12.74
C TYR B 310 4.31 30.36 -12.46
N GLY B 311 4.26 30.90 -11.23
CA GLY B 311 3.39 32.04 -10.87
C GLY B 311 1.96 31.64 -10.56
N VAL B 312 1.66 30.35 -10.37
CA VAL B 312 0.26 29.85 -10.23
C VAL B 312 -0.05 29.66 -8.75
N GLN B 313 -1.09 30.34 -8.26
CA GLN B 313 -1.42 30.46 -6.82
C GLN B 313 -2.48 29.41 -6.39
N GLY B 314 -3.65 29.39 -7.03
CA GLY B 314 -4.77 28.50 -6.66
C GLY B 314 -5.52 28.92 -5.40
N TRP B 315 -6.69 28.30 -5.15
CA TRP B 315 -7.56 28.60 -4.01
C TRP B 315 -7.53 27.41 -3.04
N ALA B 316 -7.22 27.61 -1.76
CA ALA B 316 -7.33 26.59 -0.70
C ALA B 316 -8.64 26.82 0.05
N ILE B 317 -9.56 25.88 -0.04
CA ILE B 317 -10.93 26.00 0.53
C ILE B 317 -11.21 24.85 1.50
N VAL B 318 -11.70 25.18 2.69
CA VAL B 318 -12.29 24.17 3.61
C VAL B 318 -13.79 24.16 3.41
N GLN B 319 -14.33 23.03 2.97
CA GLN B 319 -15.79 22.79 2.80
C GLN B 319 -16.31 22.20 4.12
N PHE B 320 -17.19 22.94 4.81
CA PHE B 320 -17.87 22.49 6.04
C PHE B 320 -19.21 21.86 5.67
N LEU B 321 -19.88 21.26 6.64
CA LEU B 321 -21.26 20.74 6.47
C LEU B 321 -22.16 21.82 5.86
N GLY B 322 -22.86 21.47 4.77
CA GLY B 322 -23.80 22.36 4.05
C GLY B 322 -23.13 23.33 3.07
N ASP B 323 -21.81 23.32 2.93
CA ASP B 323 -21.09 24.17 1.93
C ASP B 323 -21.25 23.55 0.53
N ALA B 324 -21.71 24.35 -0.43
CA ALA B 324 -21.74 24.01 -1.86
C ALA B 324 -20.58 24.71 -2.54
N VAL B 325 -19.65 23.95 -3.14
CA VAL B 325 -18.51 24.48 -3.92
C VAL B 325 -18.85 24.43 -5.42
N PHE B 326 -18.81 25.60 -6.07
CA PHE B 326 -18.99 25.72 -7.54
C PHE B 326 -17.62 25.66 -8.23
N ILE B 327 -17.44 24.75 -9.17
CA ILE B 327 -16.15 24.48 -9.89
C ILE B 327 -16.34 24.76 -11.38
N PRO B 328 -15.64 25.76 -11.96
CA PRO B 328 -15.69 26.02 -13.41
C PRO B 328 -15.15 24.86 -14.26
N ALA B 329 -15.84 24.56 -15.36
CA ALA B 329 -15.38 23.60 -16.39
C ALA B 329 -13.87 23.81 -16.64
N GLY B 330 -13.08 22.76 -16.51
CA GLY B 330 -11.65 22.77 -16.87
C GLY B 330 -10.74 23.28 -15.75
N ALA B 331 -11.28 23.69 -14.59
CA ALA B 331 -10.46 24.17 -13.45
C ALA B 331 -9.89 22.91 -12.79
N PRO B 332 -8.56 22.66 -12.81
CA PRO B 332 -8.00 21.50 -12.10
C PRO B 332 -8.26 21.58 -10.59
N HIS B 333 -8.57 20.45 -9.96
CA HIS B 333 -8.83 20.44 -8.51
C HIS B 333 -8.48 19.08 -7.87
N GLN B 334 -8.27 19.12 -6.56
CA GLN B 334 -7.98 17.92 -5.72
C GLN B 334 -8.72 18.11 -4.39
N VAL B 335 -9.01 16.99 -3.71
CA VAL B 335 -9.78 16.98 -2.45
C VAL B 335 -9.07 16.09 -1.41
N HIS B 336 -8.97 16.56 -0.16
CA HIS B 336 -8.37 15.80 0.97
C HIS B 336 -9.37 15.78 2.12
N ASN B 337 -10.04 14.64 2.39
CA ASN B 337 -11.02 14.57 3.50
C ASN B 337 -10.27 14.65 4.84
N LEU B 338 -10.70 15.58 5.70
CA LEU B 338 -10.24 15.82 7.08
C LEU B 338 -10.95 14.86 8.03
N TYR B 339 -12.26 14.64 7.81
CA TYR B 339 -13.12 13.68 8.54
C TYR B 339 -13.90 12.86 7.51
N SER B 340 -14.67 11.85 7.95
CA SER B 340 -15.50 11.06 7.01
C SER B 340 -16.59 11.99 6.45
N CYS B 341 -16.74 12.04 5.12
CA CYS B 341 -17.70 12.92 4.41
C CYS B 341 -18.65 12.17 3.49
N ILE B 342 -19.90 12.64 3.41
CA ILE B 342 -20.81 12.33 2.29
C ILE B 342 -20.98 13.61 1.46
N LYS B 343 -20.67 13.56 0.17
CA LYS B 343 -20.85 14.73 -0.76
C LYS B 343 -21.76 14.29 -1.90
N VAL B 344 -22.51 15.23 -2.50
CA VAL B 344 -23.32 14.98 -3.71
C VAL B 344 -23.07 16.13 -4.67
N ALA B 345 -22.69 15.82 -5.91
CA ALA B 345 -22.31 16.78 -6.98
C ALA B 345 -23.25 16.63 -8.18
N GLU B 346 -23.57 17.75 -8.85
CA GLU B 346 -24.42 17.78 -10.07
C GLU B 346 -23.64 18.57 -11.12
N ASP B 347 -23.52 18.05 -12.33
CA ASP B 347 -22.87 18.78 -13.45
C ASP B 347 -23.93 19.68 -14.13
N PHE B 348 -23.49 20.76 -14.76
CA PHE B 348 -24.37 21.70 -15.54
C PHE B 348 -23.51 22.43 -16.58
N VAL B 349 -24.16 23.16 -17.50
CA VAL B 349 -23.44 23.97 -18.51
C VAL B 349 -23.94 25.42 -18.46
N SER B 350 -23.10 26.34 -17.98
CA SER B 350 -23.43 27.79 -17.96
C SER B 350 -23.05 28.46 -19.29
N PRO B 351 -23.82 29.49 -19.74
CA PRO B 351 -23.49 30.24 -20.94
C PRO B 351 -22.06 30.80 -20.92
N GLU B 352 -21.61 31.24 -19.76
CA GLU B 352 -20.29 31.90 -19.52
C GLU B 352 -19.18 30.94 -19.93
N HIS B 353 -19.37 29.61 -19.79
CA HIS B 353 -18.30 28.60 -19.99
C HIS B 353 -18.58 27.65 -21.17
N VAL B 354 -19.52 27.96 -22.07
CA VAL B 354 -19.91 27.01 -23.16
C VAL B 354 -18.74 26.82 -24.15
N LYS B 355 -17.97 27.86 -24.41
CA LYS B 355 -16.78 27.70 -25.30
C LYS B 355 -15.79 26.68 -24.71
N HIS B 356 -15.49 26.78 -23.42
CA HIS B 356 -14.59 25.86 -22.68
C HIS B 356 -15.14 24.43 -22.76
N CYS B 357 -16.44 24.26 -22.53
CA CYS B 357 -17.11 22.94 -22.55
C CYS B 357 -16.89 22.25 -23.90
N PHE B 358 -16.97 23.00 -25.01
CA PHE B 358 -16.74 22.48 -26.37
C PHE B 358 -15.28 21.98 -26.51
N ARG B 359 -14.33 22.81 -26.12
CA ARG B 359 -12.87 22.53 -26.24
C ARG B 359 -12.46 21.35 -25.33
N LEU B 360 -12.94 21.31 -24.10
CA LEU B 360 -12.64 20.19 -23.15
C LEU B 360 -13.23 18.88 -23.65
N THR B 361 -14.44 18.91 -24.23
CA THR B 361 -15.10 17.70 -24.76
C THR B 361 -14.21 17.16 -25.92
N GLN B 362 -13.77 18.06 -26.80
CA GLN B 362 -12.90 17.73 -27.97
C GLN B 362 -11.64 17.02 -27.43
N GLU B 363 -10.96 17.62 -26.45
CA GLU B 363 -9.66 17.12 -25.92
C GLU B 363 -9.92 15.77 -25.22
N PHE B 364 -11.04 15.63 -24.50
CA PHE B 364 -11.38 14.36 -23.81
C PHE B 364 -11.44 13.25 -24.87
N ARG B 365 -12.16 13.44 -25.96
CA ARG B 365 -12.31 12.45 -27.07
C ARG B 365 -10.92 12.13 -27.68
N HIS B 366 -10.06 13.13 -27.86
CA HIS B 366 -8.69 12.93 -28.41
C HIS B 366 -7.85 12.07 -27.43
N LEU B 367 -7.89 12.37 -26.14
CA LEU B 367 -7.14 11.63 -25.09
C LEU B 367 -7.71 10.22 -24.94
N SER B 368 -8.97 10.00 -25.28
CA SER B 368 -9.61 8.66 -25.25
C SER B 368 -8.85 7.70 -26.17
N ASN B 369 -8.70 8.06 -27.45
CA ASN B 369 -8.10 7.19 -28.51
C ASN B 369 -6.76 7.78 -28.99
#